data_4WP4
# 
_entry.id   4WP4 
# 
_audit_conform.dict_name       mmcif_pdbx.dic 
_audit_conform.dict_version    5.399 
_audit_conform.dict_location   http://mmcif.pdb.org/dictionaries/ascii/mmcif_pdbx.dic 
# 
loop_
_database_2.database_id 
_database_2.database_code 
_database_2.pdbx_database_accession 
_database_2.pdbx_DOI 
PDB   4WP4         pdb_00004wp4 10.2210/pdb4wp4/pdb 
WWPDB D_1000204171 ?            ?                   
# 
loop_
_pdbx_audit_revision_history.ordinal 
_pdbx_audit_revision_history.data_content_type 
_pdbx_audit_revision_history.major_revision 
_pdbx_audit_revision_history.minor_revision 
_pdbx_audit_revision_history.revision_date 
1 'Structure model' 1 0 2015-03-04 
2 'Structure model' 1 1 2020-01-08 
3 'Structure model' 1 2 2023-12-27 
4 'Structure model' 1 3 2024-11-20 
# 
_pdbx_audit_revision_details.ordinal             1 
_pdbx_audit_revision_details.revision_ordinal    1 
_pdbx_audit_revision_details.data_content_type   'Structure model' 
_pdbx_audit_revision_details.provider            repository 
_pdbx_audit_revision_details.type                'Initial release' 
_pdbx_audit_revision_details.description         ? 
_pdbx_audit_revision_details.details             ? 
# 
loop_
_pdbx_audit_revision_group.ordinal 
_pdbx_audit_revision_group.revision_ordinal 
_pdbx_audit_revision_group.data_content_type 
_pdbx_audit_revision_group.group 
1 2 'Structure model' 'Author supporting evidence' 
2 2 'Structure model' 'Database references'        
3 2 'Structure model' 'Derived calculations'       
4 2 'Structure model' Other                        
5 2 'Structure model' 'Source and taxonomy'        
6 3 'Structure model' 'Data collection'            
7 3 'Structure model' 'Database references'        
8 3 'Structure model' 'Refinement description'     
9 4 'Structure model' 'Structure summary'          
# 
loop_
_pdbx_audit_revision_category.ordinal 
_pdbx_audit_revision_category.revision_ordinal 
_pdbx_audit_revision_category.data_content_type 
_pdbx_audit_revision_category.category 
1  2 'Structure model' citation                  
2  2 'Structure model' entity_src_nat            
3  2 'Structure model' pdbx_audit_support        
4  2 'Structure model' pdbx_database_status      
5  2 'Structure model' pdbx_struct_assembly      
6  2 'Structure model' pdbx_struct_oper_list     
7  3 'Structure model' chem_comp_atom            
8  3 'Structure model' chem_comp_bond            
9  3 'Structure model' database_2                
10 3 'Structure model' refine_hist               
11 4 'Structure model' pdbx_entry_details        
12 4 'Structure model' pdbx_modification_feature 
# 
loop_
_pdbx_audit_revision_item.ordinal 
_pdbx_audit_revision_item.revision_ordinal 
_pdbx_audit_revision_item.data_content_type 
_pdbx_audit_revision_item.item 
1 2 'Structure model' '_citation.journal_id_CSD'                    
2 2 'Structure model' '_entity_src_nat.pdbx_alt_source_flag'        
3 2 'Structure model' '_pdbx_audit_support.funding_organization'    
4 2 'Structure model' '_pdbx_database_status.pdb_format_compatible' 
5 2 'Structure model' '_pdbx_struct_assembly.oligomeric_details'    
6 2 'Structure model' '_pdbx_struct_oper_list.symmetry_operation'   
7 3 'Structure model' '_database_2.pdbx_DOI'                        
8 3 'Structure model' '_database_2.pdbx_database_accession'         
# 
_pdbx_database_status.status_code                     REL 
_pdbx_database_status.status_code_sf                  REL 
_pdbx_database_status.status_code_mr                  ? 
_pdbx_database_status.entry_id                        4WP4 
_pdbx_database_status.recvd_initial_deposition_date   2014-10-17 
_pdbx_database_status.SG_entry                        N 
_pdbx_database_status.deposit_site                    RCSB 
_pdbx_database_status.process_site                    RCSB 
_pdbx_database_status.status_code_cs                  ? 
_pdbx_database_status.methods_development_category    ? 
_pdbx_database_status.pdb_format_compatible           Y 
_pdbx_database_status.status_code_nmr_data            ? 
# 
_pdbx_database_related.db_name        PDB 
_pdbx_database_related.details        '1Q9B contains the same protein from the non-processed natural source.' 
_pdbx_database_related.db_id          1Q9B 
_pdbx_database_related.content_type   unspecified 
# 
loop_
_audit_author.name 
_audit_author.pdbx_ordinal 
'Galicia, C.'          1 
'Rodriguez-Romero, A.' 2 
# 
_citation.abstract                  ? 
_citation.abstract_id_CAS           ? 
_citation.book_id_ISBN              ? 
_citation.book_publisher            ? 
_citation.book_publisher_city       ? 
_citation.book_title                ? 
_citation.coordinate_linkage        ? 
_citation.country                   UK 
_citation.database_id_Medline       ? 
_citation.details                   ? 
_citation.id                        primary 
_citation.journal_abbrev            Mol.Immunol. 
_citation.journal_id_ASTM           MOIMD5 
_citation.journal_id_CSD            0921 
_citation.journal_id_ISSN           0161-5890 
_citation.journal_full              ? 
_citation.journal_issue             ? 
_citation.journal_volume            65 
_citation.language                  ? 
_citation.page_first                250 
_citation.page_last                 258 
_citation.title                     
;Impact of the vulcanization process on the structural characteristics and IgE recognition of two allergens, Hev b 2 and Hev b 6.02, extracted from latex surgical gloves.
;
_citation.year                      2015 
_citation.database_id_CSD           ? 
_citation.pdbx_database_id_DOI      10.1016/j.molimm.2015.01.018 
_citation.pdbx_database_id_PubMed   25700348 
_citation.unpublished_flag          ? 
# 
loop_
_citation_author.citation_id 
_citation_author.name 
_citation_author.ordinal 
_citation_author.identifier_ORCID 
primary 'Galicia, C.'           1 ? 
primary 'Mendoza-Hernandez, G.' 2 ? 
primary 'Rodriguez-Romero, A.'  3 ? 
# 
loop_
_entity.id 
_entity.type 
_entity.src_method 
_entity.pdbx_description 
_entity.formula_weight 
_entity.pdbx_number_of_molecules 
_entity.pdbx_ec 
_entity.pdbx_mutation 
_entity.pdbx_fragment 
_entity.details 
1 polymer     nat Pro-hevein 4731.166 1  ? ? 'unp residues 18-60' 
'Protein purified from rubber surgical gloves that underwent a vulcanization process.' 
2 non-polymer syn THIOUREA   76.121   1  ? ? ?                    ? 
3 water       nat water      18.015   53 ? ? ?                    ? 
# 
_entity_name_com.entity_id   1 
_entity_name_com.name        'Major hevein' 
# 
_entity_poly.entity_id                      1 
_entity_poly.type                           'polypeptide(L)' 
_entity_poly.nstd_linkage                   no 
_entity_poly.nstd_monomer                   no 
_entity_poly.pdbx_seq_one_letter_code       EQCGRQAGGKLCPNNLCCSQWGWCGSTDEYCSPDHNCQSNCKD 
_entity_poly.pdbx_seq_one_letter_code_can   EQCGRQAGGKLCPNNLCCSQWGWCGSTDEYCSPDHNCQSNCKD 
_entity_poly.pdbx_strand_id                 A 
_entity_poly.pdbx_target_identifier         ? 
# 
loop_
_pdbx_entity_nonpoly.entity_id 
_pdbx_entity_nonpoly.name 
_pdbx_entity_nonpoly.comp_id 
2 THIOUREA TOU 
3 water    HOH 
# 
loop_
_entity_poly_seq.entity_id 
_entity_poly_seq.num 
_entity_poly_seq.mon_id 
_entity_poly_seq.hetero 
1 1  GLU n 
1 2  GLN n 
1 3  CYS n 
1 4  GLY n 
1 5  ARG n 
1 6  GLN n 
1 7  ALA n 
1 8  GLY n 
1 9  GLY n 
1 10 LYS n 
1 11 LEU n 
1 12 CYS n 
1 13 PRO n 
1 14 ASN n 
1 15 ASN n 
1 16 LEU n 
1 17 CYS n 
1 18 CYS n 
1 19 SER n 
1 20 GLN n 
1 21 TRP n 
1 22 GLY n 
1 23 TRP n 
1 24 CYS n 
1 25 GLY n 
1 26 SER n 
1 27 THR n 
1 28 ASP n 
1 29 GLU n 
1 30 TYR n 
1 31 CYS n 
1 32 SER n 
1 33 PRO n 
1 34 ASP n 
1 35 HIS n 
1 36 ASN n 
1 37 CYS n 
1 38 GLN n 
1 39 SER n 
1 40 ASN n 
1 41 CYS n 
1 42 LYS n 
1 43 ASP n 
# 
_entity_src_nat.entity_id                  1 
_entity_src_nat.pdbx_src_id                1 
_entity_src_nat.pdbx_alt_source_flag       sample 
_entity_src_nat.pdbx_beg_seq_num           1 
_entity_src_nat.pdbx_end_seq_num           43 
_entity_src_nat.common_name                'Para rubber tree' 
_entity_src_nat.pdbx_organism_scientific   'Hevea brasiliensis' 
_entity_src_nat.pdbx_ncbi_taxonomy_id      3981 
_entity_src_nat.genus                      ? 
_entity_src_nat.species                    ? 
_entity_src_nat.strain                     ? 
_entity_src_nat.tissue                     ? 
_entity_src_nat.tissue_fraction            ? 
_entity_src_nat.pdbx_secretion             ? 
_entity_src_nat.pdbx_fragment              ? 
_entity_src_nat.pdbx_variant               ? 
_entity_src_nat.pdbx_cell_line             ? 
_entity_src_nat.pdbx_atcc                  ? 
_entity_src_nat.pdbx_cellular_location     ? 
_entity_src_nat.pdbx_organ                 ? 
_entity_src_nat.pdbx_organelle             ? 
_entity_src_nat.pdbx_cell                  ? 
_entity_src_nat.pdbx_plasmid_name          ? 
_entity_src_nat.pdbx_plasmid_details       'Latex from laticiferous cells' 
_entity_src_nat.details                    ? 
# 
loop_
_chem_comp.id 
_chem_comp.type 
_chem_comp.mon_nstd_flag 
_chem_comp.name 
_chem_comp.pdbx_synonyms 
_chem_comp.formula 
_chem_comp.formula_weight 
ALA 'L-peptide linking' y ALANINE         ? 'C3 H7 N O2'     89.093  
ARG 'L-peptide linking' y ARGININE        ? 'C6 H15 N4 O2 1' 175.209 
ASN 'L-peptide linking' y ASPARAGINE      ? 'C4 H8 N2 O3'    132.118 
ASP 'L-peptide linking' y 'ASPARTIC ACID' ? 'C4 H7 N O4'     133.103 
CYS 'L-peptide linking' y CYSTEINE        ? 'C3 H7 N O2 S'   121.158 
GLN 'L-peptide linking' y GLUTAMINE       ? 'C5 H10 N2 O3'   146.144 
GLU 'L-peptide linking' y 'GLUTAMIC ACID' ? 'C5 H9 N O4'     147.129 
GLY 'peptide linking'   y GLYCINE         ? 'C2 H5 N O2'     75.067  
HIS 'L-peptide linking' y HISTIDINE       ? 'C6 H10 N3 O2 1' 156.162 
HOH non-polymer         . WATER           ? 'H2 O'           18.015  
LEU 'L-peptide linking' y LEUCINE         ? 'C6 H13 N O2'    131.173 
LYS 'L-peptide linking' y LYSINE          ? 'C6 H15 N2 O2 1' 147.195 
PRO 'L-peptide linking' y PROLINE         ? 'C5 H9 N O2'     115.130 
SER 'L-peptide linking' y SERINE          ? 'C3 H7 N O3'     105.093 
THR 'L-peptide linking' y THREONINE       ? 'C4 H9 N O3'     119.119 
TOU non-polymer         . THIOUREA        ? 'C H4 N2 S'      76.121  
TRP 'L-peptide linking' y TRYPTOPHAN      ? 'C11 H12 N2 O2'  204.225 
TYR 'L-peptide linking' y TYROSINE        ? 'C9 H11 N O3'    181.189 
# 
loop_
_pdbx_poly_seq_scheme.asym_id 
_pdbx_poly_seq_scheme.entity_id 
_pdbx_poly_seq_scheme.seq_id 
_pdbx_poly_seq_scheme.mon_id 
_pdbx_poly_seq_scheme.ndb_seq_num 
_pdbx_poly_seq_scheme.pdb_seq_num 
_pdbx_poly_seq_scheme.auth_seq_num 
_pdbx_poly_seq_scheme.pdb_mon_id 
_pdbx_poly_seq_scheme.auth_mon_id 
_pdbx_poly_seq_scheme.pdb_strand_id 
_pdbx_poly_seq_scheme.pdb_ins_code 
_pdbx_poly_seq_scheme.hetero 
A 1 1  GLU 1  1  1  GLU GLU A . n 
A 1 2  GLN 2  2  2  GLN GLN A . n 
A 1 3  CYS 3  3  3  CYS CYS A . n 
A 1 4  GLY 4  4  4  GLY GLY A . n 
A 1 5  ARG 5  5  5  ARG ARG A . n 
A 1 6  GLN 6  6  6  GLN GLN A . n 
A 1 7  ALA 7  7  7  ALA ALA A . n 
A 1 8  GLY 8  8  8  GLY GLY A . n 
A 1 9  GLY 9  9  9  GLY GLY A . n 
A 1 10 LYS 10 10 10 LYS LYS A . n 
A 1 11 LEU 11 11 11 LEU LEU A . n 
A 1 12 CYS 12 12 12 CYS CYS A . n 
A 1 13 PRO 13 13 13 PRO PRO A . n 
A 1 14 ASN 14 14 14 ASN ASN A . n 
A 1 15 ASN 15 15 15 ASN ASN A . n 
A 1 16 LEU 16 16 16 LEU LEU A . n 
A 1 17 CYS 17 17 17 CYS CYS A . n 
A 1 18 CYS 18 18 18 CYS CYS A . n 
A 1 19 SER 19 19 19 SER SER A . n 
A 1 20 GLN 20 20 20 GLN GLN A . n 
A 1 21 TRP 21 21 21 TRP TRP A . n 
A 1 22 GLY 22 22 22 GLY GLY A . n 
A 1 23 TRP 23 23 23 TRP TRP A . n 
A 1 24 CYS 24 24 24 CYS CYS A . n 
A 1 25 GLY 25 25 25 GLY GLY A . n 
A 1 26 SER 26 26 26 SER SER A . n 
A 1 27 THR 27 27 27 THR THR A . n 
A 1 28 ASP 28 28 28 ASP ASP A . n 
A 1 29 GLU 29 29 29 GLU GLU A . n 
A 1 30 TYR 30 30 30 TYR TYR A . n 
A 1 31 CYS 31 31 31 CYS CYS A . n 
A 1 32 SER 32 32 32 SER SER A . n 
A 1 33 PRO 33 33 33 PRO PRO A . n 
A 1 34 ASP 34 34 34 ASP ASP A . n 
A 1 35 HIS 35 35 35 HIS HIS A . n 
A 1 36 ASN 36 36 36 ASN ASN A . n 
A 1 37 CYS 37 37 37 CYS CYS A . n 
A 1 38 GLN 38 38 38 GLN GLN A . n 
A 1 39 SER 39 39 39 SER SER A . n 
A 1 40 ASN 40 40 40 ASN ASN A . n 
A 1 41 CYS 41 41 41 CYS CYS A . n 
A 1 42 LYS 42 42 42 LYS LYS A . n 
A 1 43 ASP 43 43 43 ASP ASP A . n 
# 
loop_
_pdbx_nonpoly_scheme.asym_id 
_pdbx_nonpoly_scheme.entity_id 
_pdbx_nonpoly_scheme.mon_id 
_pdbx_nonpoly_scheme.ndb_seq_num 
_pdbx_nonpoly_scheme.pdb_seq_num 
_pdbx_nonpoly_scheme.auth_seq_num 
_pdbx_nonpoly_scheme.pdb_mon_id 
_pdbx_nonpoly_scheme.auth_mon_id 
_pdbx_nonpoly_scheme.pdb_strand_id 
_pdbx_nonpoly_scheme.pdb_ins_code 
B 2 TOU 1  101 1  TOU TOU A . 
C 3 HOH 1  201 22 HOH HOH A . 
C 3 HOH 2  202 21 HOH HOH A . 
C 3 HOH 3  203 3  HOH HOH A . 
C 3 HOH 4  204 10 HOH HOH A . 
C 3 HOH 5  205 38 HOH HOH A . 
C 3 HOH 6  206 2  HOH HOH A . 
C 3 HOH 7  207 11 HOH HOH A . 
C 3 HOH 8  208 37 HOH HOH A . 
C 3 HOH 9  209 7  HOH HOH A . 
C 3 HOH 10 210 13 HOH HOH A . 
C 3 HOH 11 211 14 HOH HOH A . 
C 3 HOH 12 212 9  HOH HOH A . 
C 3 HOH 13 213 34 HOH HOH A . 
C 3 HOH 14 214 20 HOH HOH A . 
C 3 HOH 15 215 56 HOH HOH A . 
C 3 HOH 16 216 32 HOH HOH A . 
C 3 HOH 17 217 16 HOH HOH A . 
C 3 HOH 18 218 4  HOH HOH A . 
C 3 HOH 19 219 12 HOH HOH A . 
C 3 HOH 20 220 26 HOH HOH A . 
C 3 HOH 21 221 19 HOH HOH A . 
C 3 HOH 22 222 42 HOH HOH A . 
C 3 HOH 23 223 45 HOH HOH A . 
C 3 HOH 24 224 60 HOH HOH A . 
C 3 HOH 25 225 25 HOH HOH A . 
C 3 HOH 26 226 49 HOH HOH A . 
C 3 HOH 27 227 24 HOH HOH A . 
C 3 HOH 28 228 8  HOH HOH A . 
C 3 HOH 29 229 30 HOH HOH A . 
C 3 HOH 30 230 28 HOH HOH A . 
C 3 HOH 31 231 51 HOH HOH A . 
C 3 HOH 32 232 52 HOH HOH A . 
C 3 HOH 33 233 43 HOH HOH A . 
C 3 HOH 34 234 50 HOH HOH A . 
C 3 HOH 35 235 27 HOH HOH A . 
C 3 HOH 36 236 46 HOH HOH A . 
C 3 HOH 37 237 29 HOH HOH A . 
C 3 HOH 38 238 53 HOH HOH A . 
C 3 HOH 39 239 57 HOH HOH A . 
C 3 HOH 40 240 1  HOH HOH A . 
C 3 HOH 41 241 5  HOH HOH A . 
C 3 HOH 42 242 6  HOH HOH A . 
C 3 HOH 43 243 17 HOH HOH A . 
C 3 HOH 44 244 23 HOH HOH A . 
C 3 HOH 45 245 31 HOH HOH A . 
C 3 HOH 46 246 36 HOH HOH A . 
C 3 HOH 47 247 40 HOH HOH A . 
C 3 HOH 48 248 41 HOH HOH A . 
C 3 HOH 49 249 44 HOH HOH A . 
C 3 HOH 50 250 48 HOH HOH A . 
C 3 HOH 51 251 54 HOH HOH A . 
C 3 HOH 52 252 55 HOH HOH A . 
C 3 HOH 53 253 61 HOH HOH A . 
# 
loop_
_pdbx_unobs_or_zero_occ_atoms.id 
_pdbx_unobs_or_zero_occ_atoms.PDB_model_num 
_pdbx_unobs_or_zero_occ_atoms.polymer_flag 
_pdbx_unobs_or_zero_occ_atoms.occupancy_flag 
_pdbx_unobs_or_zero_occ_atoms.auth_asym_id 
_pdbx_unobs_or_zero_occ_atoms.auth_comp_id 
_pdbx_unobs_or_zero_occ_atoms.auth_seq_id 
_pdbx_unobs_or_zero_occ_atoms.PDB_ins_code 
_pdbx_unobs_or_zero_occ_atoms.auth_atom_id 
_pdbx_unobs_or_zero_occ_atoms.label_alt_id 
_pdbx_unobs_or_zero_occ_atoms.label_asym_id 
_pdbx_unobs_or_zero_occ_atoms.label_comp_id 
_pdbx_unobs_or_zero_occ_atoms.label_seq_id 
_pdbx_unobs_or_zero_occ_atoms.label_atom_id 
1 1 Y 1 A ASP 43 ? CG  ? A ASP 43 CG  
2 1 Y 1 A ASP 43 ? OD1 ? A ASP 43 OD1 
3 1 Y 1 A ASP 43 ? OD2 ? A ASP 43 OD2 
# 
_software.citation_id            ? 
_software.classification         refinement 
_software.compiler_name          ? 
_software.compiler_version       ? 
_software.contact_author         ? 
_software.contact_author_email   ? 
_software.date                   ? 
_software.description            ? 
_software.dependencies           ? 
_software.hardware               ? 
_software.language               ? 
_software.location               ? 
_software.mods                   ? 
_software.name                   PHENIX 
_software.os                     ? 
_software.os_version             ? 
_software.type                   ? 
_software.version                '(phenix.refine: dev_1810)' 
_software.pdbx_ordinal           1 
# 
_cell.entry_id           4WP4 
_cell.length_a           37.330 
_cell.length_b           37.330 
_cell.length_c           48.777 
_cell.angle_alpha        90.00 
_cell.angle_beta         90.00 
_cell.angle_gamma        120.00 
_cell.Z_PDB              6 
_cell.pdbx_unique_axis   ? 
# 
_symmetry.entry_id                         4WP4 
_symmetry.cell_setting                     ? 
_symmetry.Int_Tables_number                152 
_symmetry.space_group_name_Hall            ? 
_symmetry.space_group_name_H-M             'P 31 2 1' 
_symmetry.pdbx_full_space_group_name_H-M   ? 
# 
_exptl.absorpt_coefficient_mu     ? 
_exptl.absorpt_correction_T_max   ? 
_exptl.absorpt_correction_T_min   ? 
_exptl.absorpt_correction_type    ? 
_exptl.absorpt_process_details    ? 
_exptl.entry_id                   4WP4 
_exptl.crystals_number            ? 
_exptl.details                    ? 
_exptl.method                     'X-RAY DIFFRACTION' 
_exptl.method_details             ? 
# 
_exptl_crystal.colour                      ? 
_exptl_crystal.density_diffrn              ? 
_exptl_crystal.density_Matthews            2.08 
_exptl_crystal.density_method              ? 
_exptl_crystal.density_percent_sol         40.9 
_exptl_crystal.description                 Bar 
_exptl_crystal.F_000                       ? 
_exptl_crystal.id                          1 
_exptl_crystal.preparation                 ? 
_exptl_crystal.size_max                    ? 
_exptl_crystal.size_mid                    ? 
_exptl_crystal.size_min                    ? 
_exptl_crystal.size_rad                    ? 
_exptl_crystal.colour_lustre               ? 
_exptl_crystal.colour_modifier             ? 
_exptl_crystal.colour_primary              ? 
_exptl_crystal.density_meas                ? 
_exptl_crystal.density_meas_esd            ? 
_exptl_crystal.density_meas_gt             ? 
_exptl_crystal.density_meas_lt             ? 
_exptl_crystal.density_meas_temp           ? 
_exptl_crystal.density_meas_temp_esd       ? 
_exptl_crystal.density_meas_temp_gt        ? 
_exptl_crystal.density_meas_temp_lt        ? 
_exptl_crystal.pdbx_crystal_image_url      ? 
_exptl_crystal.pdbx_crystal_image_format   ? 
_exptl_crystal.pdbx_mosaicity              ? 
_exptl_crystal.pdbx_mosaicity_esd          ? 
# 
_exptl_crystal_grow.apparatus       ? 
_exptl_crystal_grow.atmosphere      ? 
_exptl_crystal_grow.crystal_id      1 
_exptl_crystal_grow.details         ? 
_exptl_crystal_grow.method          'VAPOR DIFFUSION, SITTING DROP' 
_exptl_crystal_grow.method_ref      ? 
_exptl_crystal_grow.pH              5.5 
_exptl_crystal_grow.pressure        ? 
_exptl_crystal_grow.pressure_esd    ? 
_exptl_crystal_grow.seeding         ? 
_exptl_crystal_grow.seeding_ref     ? 
_exptl_crystal_grow.temp            291 
_exptl_crystal_grow.temp_details    ? 
_exptl_crystal_grow.temp_esd        ? 
_exptl_crystal_grow.time            ? 
_exptl_crystal_grow.pdbx_details    '0.1M sodium citrate, 2M ammonium sulfate' 
_exptl_crystal_grow.pdbx_pH_range   ? 
# 
_diffrn.ambient_environment    ? 
_diffrn.ambient_temp           100 
_diffrn.ambient_temp_details   ? 
_diffrn.ambient_temp_esd       ? 
_diffrn.crystal_id             1 
_diffrn.crystal_support        ? 
_diffrn.crystal_treatment      ? 
_diffrn.details                ? 
_diffrn.id                     1 
_diffrn.ambient_pressure       ? 
_diffrn.ambient_pressure_esd   ? 
_diffrn.ambient_pressure_gt    ? 
_diffrn.ambient_pressure_lt    ? 
_diffrn.ambient_temp_gt        ? 
_diffrn.ambient_temp_lt        ? 
# 
_diffrn_detector.details                      ? 
_diffrn_detector.detector                     'IMAGE PLATE' 
_diffrn_detector.diffrn_id                    1 
_diffrn_detector.type                         'RIGAKU RAXIS IV++' 
_diffrn_detector.area_resol_mean              ? 
_diffrn_detector.dtime                        ? 
_diffrn_detector.pdbx_frames_total            ? 
_diffrn_detector.pdbx_collection_time_total   ? 
_diffrn_detector.pdbx_collection_date         2014-01-27 
# 
_diffrn_radiation.collimation                      ? 
_diffrn_radiation.diffrn_id                        1 
_diffrn_radiation.filter_edge                      ? 
_diffrn_radiation.inhomogeneity                    ? 
_diffrn_radiation.monochromator                    ? 
_diffrn_radiation.polarisn_norm                    ? 
_diffrn_radiation.polarisn_ratio                   ? 
_diffrn_radiation.probe                            ? 
_diffrn_radiation.type                             ? 
_diffrn_radiation.xray_symbol                      ? 
_diffrn_radiation.wavelength_id                    1 
_diffrn_radiation.pdbx_monochromatic_or_laue_m_l   M 
_diffrn_radiation.pdbx_wavelength_list             ? 
_diffrn_radiation.pdbx_wavelength                  ? 
_diffrn_radiation.pdbx_diffrn_protocol             'SINGLE WAVELENGTH' 
_diffrn_radiation.pdbx_analyzer                    ? 
_diffrn_radiation.pdbx_scattering_type             x-ray 
# 
_diffrn_radiation_wavelength.id           1 
_diffrn_radiation_wavelength.wavelength   1.54 
_diffrn_radiation_wavelength.wt           1.0 
# 
_diffrn_source.current                     ? 
_diffrn_source.details                     ? 
_diffrn_source.diffrn_id                   1 
_diffrn_source.power                       ? 
_diffrn_source.size                        ? 
_diffrn_source.source                      'ROTATING ANODE' 
_diffrn_source.target                      ? 
_diffrn_source.type                        'RIGAKU MICROMAX-007 HF' 
_diffrn_source.voltage                     ? 
_diffrn_source.take-off_angle              ? 
_diffrn_source.pdbx_wavelength_list        1.54 
_diffrn_source.pdbx_wavelength             ? 
_diffrn_source.pdbx_synchrotron_beamline   ? 
_diffrn_source.pdbx_synchrotron_site       ? 
# 
_reflns.B_iso_Wilson_estimate            15.29 
_reflns.entry_id                         4WP4 
_reflns.data_reduction_details           ? 
_reflns.data_reduction_method            ? 
_reflns.d_resolution_high                1.43 
_reflns.d_resolution_low                 26.95 
_reflns.details                          
;The data collection was done at the maximum crystal-to-detector distance of 72 mm. At this distance the resolution was 1.43 with an I/sigma = 24.4 indicating that the crystal could have diffracted to a higher resolution. However, this was not possible with our MicroMax007 (Rigaku).
;
_reflns.limit_h_max                      ? 
_reflns.limit_h_min                      ? 
_reflns.limit_k_max                      ? 
_reflns.limit_k_min                      ? 
_reflns.limit_l_max                      ? 
_reflns.limit_l_min                      ? 
_reflns.number_all                       ? 
_reflns.number_obs                       13802 
_reflns.observed_criterion               ? 
_reflns.observed_criterion_F_max         ? 
_reflns.observed_criterion_F_min         ? 
_reflns.observed_criterion_I_max         ? 
_reflns.observed_criterion_I_min         ? 
_reflns.observed_criterion_sigma_F       ? 
_reflns.observed_criterion_sigma_I       ? 
_reflns.percent_possible_obs             99 
_reflns.R_free_details                   ? 
_reflns.Rmerge_F_all                     ? 
_reflns.Rmerge_F_obs                     ? 
_reflns.Friedel_coverage                 ? 
_reflns.number_gt                        ? 
_reflns.threshold_expression             ? 
_reflns.pdbx_redundancy                  11.8 
_reflns.pdbx_Rmerge_I_obs                0.058 
_reflns.pdbx_Rmerge_I_all                ? 
_reflns.pdbx_Rsym_value                  ? 
_reflns.pdbx_netI_over_av_sigmaI         ? 
_reflns.pdbx_netI_over_sigmaI            64.6 
_reflns.pdbx_res_netI_over_av_sigmaI_2   ? 
_reflns.pdbx_res_netI_over_sigmaI_2      ? 
_reflns.pdbx_chi_squared                 ? 
_reflns.pdbx_scaling_rejects             ? 
_reflns.pdbx_d_res_high_opt              ? 
_reflns.pdbx_d_res_low_opt               ? 
_reflns.pdbx_d_res_opt_method            ? 
_reflns.phase_calculation_details        ? 
_reflns.pdbx_Rrim_I_all                  ? 
_reflns.pdbx_Rpim_I_all                  ? 
_reflns.pdbx_d_opt                       ? 
_reflns.pdbx_number_measured_all         ? 
_reflns.pdbx_diffrn_id                   1 
_reflns.pdbx_ordinal                     1 
_reflns.pdbx_CC_half                     ? 
_reflns.pdbx_R_split                     ? 
# 
_reflns_shell.d_res_high                  1.43 
_reflns_shell.d_res_low                   1.48 
_reflns_shell.meanI_over_sigI_all         ? 
_reflns_shell.meanI_over_sigI_obs         24.4 
_reflns_shell.number_measured_all         ? 
_reflns_shell.number_measured_obs         ? 
_reflns_shell.number_possible             ? 
_reflns_shell.number_unique_all           ? 
_reflns_shell.number_unique_obs           ? 
_reflns_shell.percent_possible_all        96.7 
_reflns_shell.percent_possible_obs        ? 
_reflns_shell.Rmerge_F_all                ? 
_reflns_shell.Rmerge_F_obs                ? 
_reflns_shell.Rmerge_I_all                ? 
_reflns_shell.Rmerge_I_obs                0.186 
_reflns_shell.meanI_over_sigI_gt          ? 
_reflns_shell.meanI_over_uI_all           ? 
_reflns_shell.meanI_over_uI_gt            ? 
_reflns_shell.number_measured_gt          ? 
_reflns_shell.number_unique_gt            ? 
_reflns_shell.percent_possible_gt         ? 
_reflns_shell.Rmerge_F_gt                 ? 
_reflns_shell.Rmerge_I_gt                 ? 
_reflns_shell.pdbx_redundancy             10.4 
_reflns_shell.pdbx_Rsym_value             ? 
_reflns_shell.pdbx_chi_squared            ? 
_reflns_shell.pdbx_netI_over_sigmaI_all   ? 
_reflns_shell.pdbx_netI_over_sigmaI_obs   ? 
_reflns_shell.pdbx_Rrim_I_all             ? 
_reflns_shell.pdbx_Rpim_I_all             ? 
_reflns_shell.pdbx_rejects                ? 
_reflns_shell.pdbx_ordinal                1 
_reflns_shell.pdbx_diffrn_id              1 
_reflns_shell.pdbx_CC_half                ? 
_reflns_shell.pdbx_R_split                ? 
# 
_refine.aniso_B[1][1]                            ? 
_refine.aniso_B[1][2]                            ? 
_refine.aniso_B[1][3]                            ? 
_refine.aniso_B[2][2]                            ? 
_refine.aniso_B[2][3]                            ? 
_refine.aniso_B[3][3]                            ? 
_refine.B_iso_max                                ? 
_refine.B_iso_mean                               20.9 
_refine.B_iso_min                                ? 
_refine.correlation_coeff_Fo_to_Fc               ? 
_refine.correlation_coeff_Fo_to_Fc_free          ? 
_refine.details                                  
;Data collection was done at the maximum crystal-to-detector distance of 72 mm. At this distance the resolution was 1.43 with an I/sigma = 24.4 indicating that the crystal could have diffracted to a higher resolution. However, this was not possible with our MicroMax007 (Rigaku)
;
_refine.diff_density_max                         ? 
_refine.diff_density_max_esd                     ? 
_refine.diff_density_min                         ? 
_refine.diff_density_min_esd                     ? 
_refine.diff_density_rms                         ? 
_refine.diff_density_rms_esd                     ? 
_refine.entry_id                                 4WP4 
_refine.pdbx_refine_id                           'X-RAY DIFFRACTION' 
_refine.ls_abs_structure_details                 ? 
_refine.ls_abs_structure_Flack                   ? 
_refine.ls_abs_structure_Flack_esd               ? 
_refine.ls_abs_structure_Rogers                  ? 
_refine.ls_abs_structure_Rogers_esd              ? 
_refine.ls_d_res_high                            1.43 
_refine.ls_d_res_low                             26.947 
_refine.ls_extinction_coef                       ? 
_refine.ls_extinction_coef_esd                   ? 
_refine.ls_extinction_expression                 ? 
_refine.ls_extinction_method                     ? 
_refine.ls_goodness_of_fit_all                   ? 
_refine.ls_goodness_of_fit_all_esd               ? 
_refine.ls_goodness_of_fit_obs                   ? 
_refine.ls_goodness_of_fit_obs_esd               ? 
_refine.ls_hydrogen_treatment                    ? 
_refine.ls_matrix_type                           ? 
_refine.ls_number_constraints                    ? 
_refine.ls_number_parameters                     ? 
_refine.ls_number_reflns_all                     ? 
_refine.ls_number_reflns_obs                     6719 
_refine.ls_number_reflns_R_free                  ? 
_refine.ls_number_reflns_R_work                  ? 
_refine.ls_number_restraints                     ? 
_refine.ls_percent_reflns_obs                    100 
_refine.ls_percent_reflns_R_free                 9.88 
_refine.ls_R_factor_all                          ? 
_refine.ls_R_factor_obs                          0.1529 
_refine.ls_R_factor_R_free                       0.1664 
_refine.ls_R_factor_R_free_error                 ? 
_refine.ls_R_factor_R_free_error_details         ? 
_refine.ls_R_factor_R_work                       0.1515 
_refine.ls_R_Fsqd_factor_obs                     ? 
_refine.ls_R_I_factor_obs                        ? 
_refine.ls_redundancy_reflns_all                 ? 
_refine.ls_redundancy_reflns_obs                 ? 
_refine.ls_restrained_S_all                      ? 
_refine.ls_restrained_S_obs                      ? 
_refine.ls_shift_over_esd_max                    ? 
_refine.ls_shift_over_esd_mean                   ? 
_refine.ls_structure_factor_coef                 ? 
_refine.ls_weighting_details                     ? 
_refine.ls_weighting_scheme                      ? 
_refine.ls_wR_factor_all                         ? 
_refine.ls_wR_factor_obs                         ? 
_refine.ls_wR_factor_R_free                      ? 
_refine.ls_wR_factor_R_work                      ? 
_refine.occupancy_max                            ? 
_refine.occupancy_min                            ? 
_refine.solvent_model_details                    'FLAT BULK SOLVENT MODEL' 
_refine.solvent_model_param_bsol                 ? 
_refine.solvent_model_param_ksol                 ? 
_refine.ls_R_factor_gt                           ? 
_refine.ls_goodness_of_fit_gt                    ? 
_refine.ls_goodness_of_fit_ref                   ? 
_refine.ls_shift_over_su_max                     ? 
_refine.ls_shift_over_su_max_lt                  ? 
_refine.ls_shift_over_su_mean                    ? 
_refine.ls_shift_over_su_mean_lt                 ? 
_refine.pdbx_ls_sigma_I                          ? 
_refine.pdbx_ls_sigma_F                          0.00 
_refine.pdbx_ls_sigma_Fsqd                       ? 
_refine.pdbx_data_cutoff_high_absF               ? 
_refine.pdbx_data_cutoff_high_rms_absF           ? 
_refine.pdbx_data_cutoff_low_absF                ? 
_refine.pdbx_isotropic_thermal_model             ? 
_refine.pdbx_ls_cross_valid_method               'FREE R-VALUE' 
_refine.pdbx_method_to_determine_struct          SAD 
_refine.pdbx_starting_model                      ? 
_refine.pdbx_stereochemistry_target_values       MLHL 
_refine.pdbx_R_Free_selection_details            'Random selection' 
_refine.pdbx_stereochem_target_val_spec_case     ? 
_refine.pdbx_overall_ESU_R                       ? 
_refine.pdbx_overall_ESU_R_Free                  ? 
_refine.pdbx_solvent_vdw_probe_radii             1.11 
_refine.pdbx_solvent_ion_probe_radii             ? 
_refine.pdbx_solvent_shrinkage_radii             0.90 
_refine.pdbx_real_space_R                        ? 
_refine.pdbx_density_correlation                 ? 
_refine.pdbx_pd_number_of_powder_patterns        ? 
_refine.pdbx_pd_number_of_points                 ? 
_refine.pdbx_pd_meas_number_of_points            ? 
_refine.pdbx_pd_proc_ls_prof_R_factor            ? 
_refine.pdbx_pd_proc_ls_prof_wR_factor           ? 
_refine.pdbx_pd_Marquardt_correlation_coeff      ? 
_refine.pdbx_pd_Fsqrd_R_factor                   ? 
_refine.pdbx_pd_ls_matrix_band_width             ? 
_refine.pdbx_overall_phase_error                 15.82 
_refine.pdbx_overall_SU_R_free_Cruickshank_DPI   ? 
_refine.pdbx_overall_SU_R_free_Blow_DPI          ? 
_refine.pdbx_overall_SU_R_Blow_DPI               ? 
_refine.pdbx_TLS_residual_ADP_flag               ? 
_refine.pdbx_diffrn_id                           1 
_refine.overall_SU_B                             ? 
_refine.overall_SU_ML                            0.09 
_refine.overall_SU_R_Cruickshank_DPI             ? 
_refine.overall_SU_R_free                        ? 
_refine.overall_FOM_free_R_set                   ? 
_refine.overall_FOM_work_R_set                   ? 
# 
_refine_hist.pdbx_refine_id                   'X-RAY DIFFRACTION' 
_refine_hist.cycle_id                         LAST 
_refine_hist.pdbx_number_atoms_protein        321 
_refine_hist.pdbx_number_atoms_nucleic_acid   0 
_refine_hist.pdbx_number_atoms_ligand         4 
_refine_hist.number_atoms_solvent             53 
_refine_hist.number_atoms_total               378 
_refine_hist.d_res_high                       1.43 
_refine_hist.d_res_low                        26.947 
# 
loop_
_refine_ls_restr.pdbx_refine_id 
_refine_ls_restr.criterion 
_refine_ls_restr.dev_ideal 
_refine_ls_restr.dev_ideal_target 
_refine_ls_restr.number 
_refine_ls_restr.rejects 
_refine_ls_restr.type 
_refine_ls_restr.weight 
_refine_ls_restr.pdbx_restraint_function 
'X-RAY DIFFRACTION' ? 0.014  ? 344 ? f_bond_d           ? ? 
'X-RAY DIFFRACTION' ? 1.457  ? 467 ? f_angle_d          ? ? 
'X-RAY DIFFRACTION' ? 16.900 ? 129 ? f_dihedral_angle_d ? ? 
'X-RAY DIFFRACTION' ? 0.056  ? 42  ? f_chiral_restr     ? ? 
'X-RAY DIFFRACTION' ? 0.007  ? 65  ? f_plane_restr      ? ? 
# 
loop_
_refine_ls_shell.pdbx_refine_id 
_refine_ls_shell.d_res_high 
_refine_ls_shell.d_res_low 
_refine_ls_shell.number_reflns_all 
_refine_ls_shell.number_reflns_obs 
_refine_ls_shell.number_reflns_R_free 
_refine_ls_shell.number_reflns_R_work 
_refine_ls_shell.percent_reflns_obs 
_refine_ls_shell.percent_reflns_R_free 
_refine_ls_shell.R_factor_all 
_refine_ls_shell.R_factor_obs 
_refine_ls_shell.R_factor_R_free 
_refine_ls_shell.R_factor_R_free_error 
_refine_ls_shell.R_factor_R_work 
_refine_ls_shell.redundancy_reflns_all 
_refine_ls_shell.redundancy_reflns_obs 
_refine_ls_shell.wR_factor_all 
_refine_ls_shell.wR_factor_obs 
_refine_ls_shell.wR_factor_R_free 
_refine_ls_shell.wR_factor_R_work 
_refine_ls_shell.pdbx_total_number_of_bins_used 
_refine_ls_shell.pdbx_phase_error 
'X-RAY DIFFRACTION' 1.434  1.544   . . 143 1272 96.9 . . . 0.156  14.81 0.14   . . . . . . . . 
'X-RAY DIFFRACTION' 1.544  1.7     . . 144 1323 97.9 . . . 0.162  15.88 0.131  . . . . . . . . 
'X-RAY DIFFRACTION' 1.7    1.946   . . 146 1322 99.1 . . . 0.161  13.71 0.133  . . . . . . . . 
'X-RAY DIFFRACTION' 1.946  2.451   . . 152 1371 99.8 . . . 0.165  19.53 0.155  . . . . . . . . 
'X-RAY DIFFRACTION' 2.4510 26.9520 . . 153 1440 99.9 . . . 0.1708 15.45 0.1604 . . . . . . . . 
# 
_struct.entry_id                     4WP4 
_struct.title                        'Hev b 6.02 (hevein) extracted from surgical gloves' 
_struct.pdbx_model_details           ? 
_struct.pdbx_formula_weight          ? 
_struct.pdbx_formula_weight_method   ? 
_struct.pdbx_model_type_details      ? 
_struct.pdbx_CASP_flag               ? 
# 
_struct_keywords.entry_id        4WP4 
_struct_keywords.text            'Allergen, Hevea, lectin, rubber, surgical gloves' 
_struct_keywords.pdbx_keywords   ALLERGEN 
# 
loop_
_struct_asym.id 
_struct_asym.pdbx_blank_PDB_chainid_flag 
_struct_asym.pdbx_modified 
_struct_asym.entity_id 
_struct_asym.details 
A N N 1 ? 
B N N 2 ? 
C N N 3 ? 
# 
_struct_ref.id                         1 
_struct_ref.db_name                    UNP 
_struct_ref.db_code                    HEVE_HEVBR 
_struct_ref.pdbx_db_accession          P02877 
_struct_ref.pdbx_db_isoform            ? 
_struct_ref.entity_id                  1 
_struct_ref.pdbx_seq_one_letter_code   EQCGRQAGGKLCPNNLCCSQWGWCGSTDEYCSPDHNCQSNCKD 
_struct_ref.pdbx_align_begin           18 
# 
_struct_ref_seq.align_id                      1 
_struct_ref_seq.ref_id                        1 
_struct_ref_seq.pdbx_PDB_id_code              4WP4 
_struct_ref_seq.pdbx_strand_id                A 
_struct_ref_seq.seq_align_beg                 1 
_struct_ref_seq.pdbx_seq_align_beg_ins_code   ? 
_struct_ref_seq.seq_align_end                 43 
_struct_ref_seq.pdbx_seq_align_end_ins_code   ? 
_struct_ref_seq.pdbx_db_accession             P02877 
_struct_ref_seq.db_align_beg                  18 
_struct_ref_seq.pdbx_db_align_beg_ins_code    ? 
_struct_ref_seq.db_align_end                  60 
_struct_ref_seq.pdbx_db_align_end_ins_code    ? 
_struct_ref_seq.pdbx_auth_seq_align_beg       1 
_struct_ref_seq.pdbx_auth_seq_align_end       43 
# 
_pdbx_struct_assembly.id                   1 
_pdbx_struct_assembly.details              author_and_software_defined_assembly 
_pdbx_struct_assembly.method_details       PISA 
_pdbx_struct_assembly.oligomeric_details   monomeric 
_pdbx_struct_assembly.oligomeric_count     1 
# 
_pdbx_struct_assembly_gen.assembly_id       1 
_pdbx_struct_assembly_gen.oper_expression   1 
_pdbx_struct_assembly_gen.asym_id_list      A,B,C 
# 
_pdbx_struct_oper_list.id                   1 
_pdbx_struct_oper_list.type                 'identity operation' 
_pdbx_struct_oper_list.name                 1_555 
_pdbx_struct_oper_list.symmetry_operation   x,y,z 
_pdbx_struct_oper_list.matrix[1][1]         1.0000000000 
_pdbx_struct_oper_list.matrix[1][2]         0.0000000000 
_pdbx_struct_oper_list.matrix[1][3]         0.0000000000 
_pdbx_struct_oper_list.vector[1]            0.0000000000 
_pdbx_struct_oper_list.matrix[2][1]         0.0000000000 
_pdbx_struct_oper_list.matrix[2][2]         1.0000000000 
_pdbx_struct_oper_list.matrix[2][3]         0.0000000000 
_pdbx_struct_oper_list.vector[2]            0.0000000000 
_pdbx_struct_oper_list.matrix[3][1]         0.0000000000 
_pdbx_struct_oper_list.matrix[3][2]         0.0000000000 
_pdbx_struct_oper_list.matrix[3][3]         1.0000000000 
_pdbx_struct_oper_list.vector[3]            0.0000000000 
# 
loop_
_struct_conf.conf_type_id 
_struct_conf.id 
_struct_conf.pdbx_PDB_helix_id 
_struct_conf.beg_label_comp_id 
_struct_conf.beg_label_asym_id 
_struct_conf.beg_label_seq_id 
_struct_conf.pdbx_beg_PDB_ins_code 
_struct_conf.end_label_comp_id 
_struct_conf.end_label_asym_id 
_struct_conf.end_label_seq_id 
_struct_conf.pdbx_end_PDB_ins_code 
_struct_conf.beg_auth_comp_id 
_struct_conf.beg_auth_asym_id 
_struct_conf.beg_auth_seq_id 
_struct_conf.end_auth_comp_id 
_struct_conf.end_auth_asym_id 
_struct_conf.end_auth_seq_id 
_struct_conf.pdbx_PDB_helix_class 
_struct_conf.details 
_struct_conf.pdbx_PDB_helix_length 
HELX_P HELX_P1 AA1 GLY A 4  ? GLY A 8  ? GLY A 4  GLY A 8  5 ? 5 
HELX_P HELX_P2 AA2 CYS A 12 ? LEU A 16 ? CYS A 12 LEU A 16 5 ? 5 
HELX_P HELX_P3 AA3 THR A 27 ? SER A 32 ? THR A 27 SER A 32 1 ? 6 
HELX_P HELX_P4 AA4 PRO A 33 ? ASN A 36 ? PRO A 33 ASN A 36 5 ? 4 
# 
_struct_conf_type.id          HELX_P 
_struct_conf_type.criteria    ? 
_struct_conf_type.reference   ? 
# 
loop_
_struct_conn.id 
_struct_conn.conn_type_id 
_struct_conn.pdbx_leaving_atom_flag 
_struct_conn.pdbx_PDB_id 
_struct_conn.ptnr1_label_asym_id 
_struct_conn.ptnr1_label_comp_id 
_struct_conn.ptnr1_label_seq_id 
_struct_conn.ptnr1_label_atom_id 
_struct_conn.pdbx_ptnr1_label_alt_id 
_struct_conn.pdbx_ptnr1_PDB_ins_code 
_struct_conn.pdbx_ptnr1_standard_comp_id 
_struct_conn.ptnr1_symmetry 
_struct_conn.ptnr2_label_asym_id 
_struct_conn.ptnr2_label_comp_id 
_struct_conn.ptnr2_label_seq_id 
_struct_conn.ptnr2_label_atom_id 
_struct_conn.pdbx_ptnr2_label_alt_id 
_struct_conn.pdbx_ptnr2_PDB_ins_code 
_struct_conn.ptnr1_auth_asym_id 
_struct_conn.ptnr1_auth_comp_id 
_struct_conn.ptnr1_auth_seq_id 
_struct_conn.ptnr2_auth_asym_id 
_struct_conn.ptnr2_auth_comp_id 
_struct_conn.ptnr2_auth_seq_id 
_struct_conn.ptnr2_symmetry 
_struct_conn.pdbx_ptnr3_label_atom_id 
_struct_conn.pdbx_ptnr3_label_seq_id 
_struct_conn.pdbx_ptnr3_label_comp_id 
_struct_conn.pdbx_ptnr3_label_asym_id 
_struct_conn.pdbx_ptnr3_label_alt_id 
_struct_conn.pdbx_ptnr3_PDB_ins_code 
_struct_conn.details 
_struct_conn.pdbx_dist_value 
_struct_conn.pdbx_value_order 
_struct_conn.pdbx_role 
disulf1 disulf ? ? A CYS 3  SG ? ? ? 1_555 A CYS 18 SG ? ? A CYS 3  A CYS 18 1_555 ? ? ? ? ? ? ? 2.078 ? ? 
disulf2 disulf ? ? A CYS 12 SG ? ? ? 1_555 A CYS 24 SG ? ? A CYS 12 A CYS 24 1_555 ? ? ? ? ? ? ? 2.080 ? ? 
disulf3 disulf ? ? A CYS 17 SG ? ? ? 1_555 A CYS 31 SG ? ? A CYS 17 A CYS 31 1_555 ? ? ? ? ? ? ? 2.076 ? ? 
disulf4 disulf ? ? A CYS 37 SG ? ? ? 1_555 A CYS 41 SG ? ? A CYS 37 A CYS 41 1_555 ? ? ? ? ? ? ? 2.014 ? ? 
# 
_struct_conn_type.id          disulf 
_struct_conn_type.criteria    ? 
_struct_conn_type.reference   ? 
# 
loop_
_pdbx_modification_feature.ordinal 
_pdbx_modification_feature.label_comp_id 
_pdbx_modification_feature.label_asym_id 
_pdbx_modification_feature.label_seq_id 
_pdbx_modification_feature.label_alt_id 
_pdbx_modification_feature.modified_residue_label_comp_id 
_pdbx_modification_feature.modified_residue_label_asym_id 
_pdbx_modification_feature.modified_residue_label_seq_id 
_pdbx_modification_feature.modified_residue_label_alt_id 
_pdbx_modification_feature.auth_comp_id 
_pdbx_modification_feature.auth_asym_id 
_pdbx_modification_feature.auth_seq_id 
_pdbx_modification_feature.PDB_ins_code 
_pdbx_modification_feature.symmetry 
_pdbx_modification_feature.modified_residue_auth_comp_id 
_pdbx_modification_feature.modified_residue_auth_asym_id 
_pdbx_modification_feature.modified_residue_auth_seq_id 
_pdbx_modification_feature.modified_residue_PDB_ins_code 
_pdbx_modification_feature.modified_residue_symmetry 
_pdbx_modification_feature.comp_id_linking_atom 
_pdbx_modification_feature.modified_residue_id_linking_atom 
_pdbx_modification_feature.modified_residue_id 
_pdbx_modification_feature.ref_pcm_id 
_pdbx_modification_feature.ref_comp_id 
_pdbx_modification_feature.type 
_pdbx_modification_feature.category 
1 CYS A 3  ? CYS A 18 ? CYS A 3  ? 1_555 CYS A 18 ? 1_555 SG SG . . . None 'Disulfide bridge' 
2 CYS A 12 ? CYS A 24 ? CYS A 12 ? 1_555 CYS A 24 ? 1_555 SG SG . . . None 'Disulfide bridge' 
3 CYS A 17 ? CYS A 31 ? CYS A 17 ? 1_555 CYS A 31 ? 1_555 SG SG . . . None 'Disulfide bridge' 
4 CYS A 37 ? CYS A 41 ? CYS A 37 ? 1_555 CYS A 41 ? 1_555 SG SG . . . None 'Disulfide bridge' 
# 
_struct_sheet.id               AA1 
_struct_sheet.type             ? 
_struct_sheet.number_strands   2 
_struct_sheet.details          ? 
# 
_struct_sheet_order.sheet_id     AA1 
_struct_sheet_order.range_id_1   1 
_struct_sheet_order.range_id_2   2 
_struct_sheet_order.offset       ? 
_struct_sheet_order.sense        anti-parallel 
# 
loop_
_struct_sheet_range.sheet_id 
_struct_sheet_range.id 
_struct_sheet_range.beg_label_comp_id 
_struct_sheet_range.beg_label_asym_id 
_struct_sheet_range.beg_label_seq_id 
_struct_sheet_range.pdbx_beg_PDB_ins_code 
_struct_sheet_range.end_label_comp_id 
_struct_sheet_range.end_label_asym_id 
_struct_sheet_range.end_label_seq_id 
_struct_sheet_range.pdbx_end_PDB_ins_code 
_struct_sheet_range.beg_auth_comp_id 
_struct_sheet_range.beg_auth_asym_id 
_struct_sheet_range.beg_auth_seq_id 
_struct_sheet_range.end_auth_comp_id 
_struct_sheet_range.end_auth_asym_id 
_struct_sheet_range.end_auth_seq_id 
AA1 1 CYS A 17 ? CYS A 18 ? CYS A 17 CYS A 18 
AA1 2 CYS A 24 ? GLY A 25 ? CYS A 24 GLY A 25 
# 
_pdbx_struct_sheet_hbond.sheet_id                AA1 
_pdbx_struct_sheet_hbond.range_id_1              1 
_pdbx_struct_sheet_hbond.range_id_2              2 
_pdbx_struct_sheet_hbond.range_1_label_atom_id   N 
_pdbx_struct_sheet_hbond.range_1_label_comp_id   CYS 
_pdbx_struct_sheet_hbond.range_1_label_asym_id   A 
_pdbx_struct_sheet_hbond.range_1_label_seq_id    17 
_pdbx_struct_sheet_hbond.range_1_PDB_ins_code    ? 
_pdbx_struct_sheet_hbond.range_1_auth_atom_id    N 
_pdbx_struct_sheet_hbond.range_1_auth_comp_id    CYS 
_pdbx_struct_sheet_hbond.range_1_auth_asym_id    A 
_pdbx_struct_sheet_hbond.range_1_auth_seq_id     17 
_pdbx_struct_sheet_hbond.range_2_label_atom_id   O 
_pdbx_struct_sheet_hbond.range_2_label_comp_id   GLY 
_pdbx_struct_sheet_hbond.range_2_label_asym_id   A 
_pdbx_struct_sheet_hbond.range_2_label_seq_id    25 
_pdbx_struct_sheet_hbond.range_2_PDB_ins_code    ? 
_pdbx_struct_sheet_hbond.range_2_auth_atom_id    O 
_pdbx_struct_sheet_hbond.range_2_auth_comp_id    GLY 
_pdbx_struct_sheet_hbond.range_2_auth_asym_id    A 
_pdbx_struct_sheet_hbond.range_2_auth_seq_id     25 
# 
_struct_site.id                   AC1 
_struct_site.pdbx_evidence_code   Software 
_struct_site.pdbx_auth_asym_id    A 
_struct_site.pdbx_auth_comp_id    TOU 
_struct_site.pdbx_auth_seq_id     101 
_struct_site.pdbx_auth_ins_code   ? 
_struct_site.pdbx_num_residues    3 
_struct_site.details              'binding site for residue TOU A 101' 
# 
loop_
_struct_site_gen.id 
_struct_site_gen.site_id 
_struct_site_gen.pdbx_num_res 
_struct_site_gen.label_comp_id 
_struct_site_gen.label_asym_id 
_struct_site_gen.label_seq_id 
_struct_site_gen.pdbx_auth_ins_code 
_struct_site_gen.auth_comp_id 
_struct_site_gen.auth_asym_id 
_struct_site_gen.auth_seq_id 
_struct_site_gen.label_atom_id 
_struct_site_gen.label_alt_id 
_struct_site_gen.symmetry 
_struct_site_gen.details 
1 AC1 3 SER A 39 ? SER A 39 . ? 1_555 ? 
2 AC1 3 ASN A 40 ? ASN A 40 . ? 1_555 ? 
3 AC1 3 CYS A 41 ? CYS A 41 . ? 1_555 ? 
# 
_pdbx_entry_details.entry_id                   4WP4 
_pdbx_entry_details.compound_details           ? 
_pdbx_entry_details.source_details             ? 
_pdbx_entry_details.nonpolymer_details         ? 
_pdbx_entry_details.sequence_details           ? 
_pdbx_entry_details.has_ligand_of_interest     ? 
_pdbx_entry_details.has_protein_modification   Y 
# 
_pdbx_refine_tls.id               1 
_pdbx_refine_tls.pdbx_refine_id   'X-RAY DIFFRACTION' 
_pdbx_refine_tls.details          'Chain A' 
_pdbx_refine_tls.method           refined 
_pdbx_refine_tls.origin_x         -0.6052 
_pdbx_refine_tls.origin_y         0.4666 
_pdbx_refine_tls.origin_z         0.3015 
_pdbx_refine_tls.T[1][1]          0.1303 
_pdbx_refine_tls.T[1][1]_esd      ? 
_pdbx_refine_tls.T[1][2]          -0.0136 
_pdbx_refine_tls.T[1][2]_esd      ? 
_pdbx_refine_tls.T[1][3]          0.0009 
_pdbx_refine_tls.T[1][3]_esd      ? 
_pdbx_refine_tls.T[2][2]          0.1075 
_pdbx_refine_tls.T[2][2]_esd      ? 
_pdbx_refine_tls.T[2][3]          0.0035 
_pdbx_refine_tls.T[2][3]_esd      ? 
_pdbx_refine_tls.T[3][3]          0.1408 
_pdbx_refine_tls.T[3][3]_esd      ? 
_pdbx_refine_tls.L[1][1]          3.6221 
_pdbx_refine_tls.L[1][1]_esd      ? 
_pdbx_refine_tls.L[1][2]          0.5519 
_pdbx_refine_tls.L[1][2]_esd      ? 
_pdbx_refine_tls.L[1][3]          -0.0520 
_pdbx_refine_tls.L[1][3]_esd      ? 
_pdbx_refine_tls.L[2][2]          2.5064 
_pdbx_refine_tls.L[2][2]_esd      ? 
_pdbx_refine_tls.L[2][3]          0.6054 
_pdbx_refine_tls.L[2][3]_esd      ? 
_pdbx_refine_tls.L[3][3]          1.8557 
_pdbx_refine_tls.L[3][3]_esd      ? 
_pdbx_refine_tls.S[1][1]          -0.0001 
_pdbx_refine_tls.S[1][1]_esd      ? 
_pdbx_refine_tls.S[1][2]          0.1253 
_pdbx_refine_tls.S[1][2]_esd      ? 
_pdbx_refine_tls.S[1][3]          -0.1734 
_pdbx_refine_tls.S[1][3]_esd      ? 
_pdbx_refine_tls.S[2][1]          -0.1456 
_pdbx_refine_tls.S[2][1]_esd      ? 
_pdbx_refine_tls.S[2][2]          -0.0081 
_pdbx_refine_tls.S[2][2]_esd      ? 
_pdbx_refine_tls.S[2][3]          0.0510 
_pdbx_refine_tls.S[2][3]_esd      ? 
_pdbx_refine_tls.S[3][1]          0.0631 
_pdbx_refine_tls.S[3][1]_esd      ? 
_pdbx_refine_tls.S[3][2]          -0.0735 
_pdbx_refine_tls.S[3][2]_esd      ? 
_pdbx_refine_tls.S[3][3]          0.0102 
_pdbx_refine_tls.S[3][3]_esd      ? 
# 
_pdbx_refine_tls_group.id                  1 
_pdbx_refine_tls_group.pdbx_refine_id      'X-RAY DIFFRACTION' 
_pdbx_refine_tls_group.refine_tls_id       1 
_pdbx_refine_tls_group.beg_label_asym_id   ? 
_pdbx_refine_tls_group.beg_label_seq_id    ? 
_pdbx_refine_tls_group.beg_auth_asym_id    A 
_pdbx_refine_tls_group.beg_auth_seq_id     1 
_pdbx_refine_tls_group.end_label_asym_id   ? 
_pdbx_refine_tls_group.end_label_seq_id    ? 
_pdbx_refine_tls_group.end_auth_asym_id    A 
_pdbx_refine_tls_group.end_auth_seq_id     43 
_pdbx_refine_tls_group.selection           all 
_pdbx_refine_tls_group.selection_details   all 
# 
loop_
_chem_comp_atom.comp_id 
_chem_comp_atom.atom_id 
_chem_comp_atom.type_symbol 
_chem_comp_atom.pdbx_aromatic_flag 
_chem_comp_atom.pdbx_stereo_config 
_chem_comp_atom.pdbx_ordinal 
ALA N    N N N 1   
ALA CA   C N S 2   
ALA C    C N N 3   
ALA O    O N N 4   
ALA CB   C N N 5   
ALA OXT  O N N 6   
ALA H    H N N 7   
ALA H2   H N N 8   
ALA HA   H N N 9   
ALA HB1  H N N 10  
ALA HB2  H N N 11  
ALA HB3  H N N 12  
ALA HXT  H N N 13  
ARG N    N N N 14  
ARG CA   C N S 15  
ARG C    C N N 16  
ARG O    O N N 17  
ARG CB   C N N 18  
ARG CG   C N N 19  
ARG CD   C N N 20  
ARG NE   N N N 21  
ARG CZ   C N N 22  
ARG NH1  N N N 23  
ARG NH2  N N N 24  
ARG OXT  O N N 25  
ARG H    H N N 26  
ARG H2   H N N 27  
ARG HA   H N N 28  
ARG HB2  H N N 29  
ARG HB3  H N N 30  
ARG HG2  H N N 31  
ARG HG3  H N N 32  
ARG HD2  H N N 33  
ARG HD3  H N N 34  
ARG HE   H N N 35  
ARG HH11 H N N 36  
ARG HH12 H N N 37  
ARG HH21 H N N 38  
ARG HH22 H N N 39  
ARG HXT  H N N 40  
ASN N    N N N 41  
ASN CA   C N S 42  
ASN C    C N N 43  
ASN O    O N N 44  
ASN CB   C N N 45  
ASN CG   C N N 46  
ASN OD1  O N N 47  
ASN ND2  N N N 48  
ASN OXT  O N N 49  
ASN H    H N N 50  
ASN H2   H N N 51  
ASN HA   H N N 52  
ASN HB2  H N N 53  
ASN HB3  H N N 54  
ASN HD21 H N N 55  
ASN HD22 H N N 56  
ASN HXT  H N N 57  
ASP N    N N N 58  
ASP CA   C N S 59  
ASP C    C N N 60  
ASP O    O N N 61  
ASP CB   C N N 62  
ASP CG   C N N 63  
ASP OD1  O N N 64  
ASP OD2  O N N 65  
ASP OXT  O N N 66  
ASP H    H N N 67  
ASP H2   H N N 68  
ASP HA   H N N 69  
ASP HB2  H N N 70  
ASP HB3  H N N 71  
ASP HD2  H N N 72  
ASP HXT  H N N 73  
CYS N    N N N 74  
CYS CA   C N R 75  
CYS C    C N N 76  
CYS O    O N N 77  
CYS CB   C N N 78  
CYS SG   S N N 79  
CYS OXT  O N N 80  
CYS H    H N N 81  
CYS H2   H N N 82  
CYS HA   H N N 83  
CYS HB2  H N N 84  
CYS HB3  H N N 85  
CYS HG   H N N 86  
CYS HXT  H N N 87  
GLN N    N N N 88  
GLN CA   C N S 89  
GLN C    C N N 90  
GLN O    O N N 91  
GLN CB   C N N 92  
GLN CG   C N N 93  
GLN CD   C N N 94  
GLN OE1  O N N 95  
GLN NE2  N N N 96  
GLN OXT  O N N 97  
GLN H    H N N 98  
GLN H2   H N N 99  
GLN HA   H N N 100 
GLN HB2  H N N 101 
GLN HB3  H N N 102 
GLN HG2  H N N 103 
GLN HG3  H N N 104 
GLN HE21 H N N 105 
GLN HE22 H N N 106 
GLN HXT  H N N 107 
GLU N    N N N 108 
GLU CA   C N S 109 
GLU C    C N N 110 
GLU O    O N N 111 
GLU CB   C N N 112 
GLU CG   C N N 113 
GLU CD   C N N 114 
GLU OE1  O N N 115 
GLU OE2  O N N 116 
GLU OXT  O N N 117 
GLU H    H N N 118 
GLU H2   H N N 119 
GLU HA   H N N 120 
GLU HB2  H N N 121 
GLU HB3  H N N 122 
GLU HG2  H N N 123 
GLU HG3  H N N 124 
GLU HE2  H N N 125 
GLU HXT  H N N 126 
GLY N    N N N 127 
GLY CA   C N N 128 
GLY C    C N N 129 
GLY O    O N N 130 
GLY OXT  O N N 131 
GLY H    H N N 132 
GLY H2   H N N 133 
GLY HA2  H N N 134 
GLY HA3  H N N 135 
GLY HXT  H N N 136 
HIS N    N N N 137 
HIS CA   C N S 138 
HIS C    C N N 139 
HIS O    O N N 140 
HIS CB   C N N 141 
HIS CG   C Y N 142 
HIS ND1  N Y N 143 
HIS CD2  C Y N 144 
HIS CE1  C Y N 145 
HIS NE2  N Y N 146 
HIS OXT  O N N 147 
HIS H    H N N 148 
HIS H2   H N N 149 
HIS HA   H N N 150 
HIS HB2  H N N 151 
HIS HB3  H N N 152 
HIS HD1  H N N 153 
HIS HD2  H N N 154 
HIS HE1  H N N 155 
HIS HE2  H N N 156 
HIS HXT  H N N 157 
HOH O    O N N 158 
HOH H1   H N N 159 
HOH H2   H N N 160 
LEU N    N N N 161 
LEU CA   C N S 162 
LEU C    C N N 163 
LEU O    O N N 164 
LEU CB   C N N 165 
LEU CG   C N N 166 
LEU CD1  C N N 167 
LEU CD2  C N N 168 
LEU OXT  O N N 169 
LEU H    H N N 170 
LEU H2   H N N 171 
LEU HA   H N N 172 
LEU HB2  H N N 173 
LEU HB3  H N N 174 
LEU HG   H N N 175 
LEU HD11 H N N 176 
LEU HD12 H N N 177 
LEU HD13 H N N 178 
LEU HD21 H N N 179 
LEU HD22 H N N 180 
LEU HD23 H N N 181 
LEU HXT  H N N 182 
LYS N    N N N 183 
LYS CA   C N S 184 
LYS C    C N N 185 
LYS O    O N N 186 
LYS CB   C N N 187 
LYS CG   C N N 188 
LYS CD   C N N 189 
LYS CE   C N N 190 
LYS NZ   N N N 191 
LYS OXT  O N N 192 
LYS H    H N N 193 
LYS H2   H N N 194 
LYS HA   H N N 195 
LYS HB2  H N N 196 
LYS HB3  H N N 197 
LYS HG2  H N N 198 
LYS HG3  H N N 199 
LYS HD2  H N N 200 
LYS HD3  H N N 201 
LYS HE2  H N N 202 
LYS HE3  H N N 203 
LYS HZ1  H N N 204 
LYS HZ2  H N N 205 
LYS HZ3  H N N 206 
LYS HXT  H N N 207 
PRO N    N N N 208 
PRO CA   C N S 209 
PRO C    C N N 210 
PRO O    O N N 211 
PRO CB   C N N 212 
PRO CG   C N N 213 
PRO CD   C N N 214 
PRO OXT  O N N 215 
PRO H    H N N 216 
PRO HA   H N N 217 
PRO HB2  H N N 218 
PRO HB3  H N N 219 
PRO HG2  H N N 220 
PRO HG3  H N N 221 
PRO HD2  H N N 222 
PRO HD3  H N N 223 
PRO HXT  H N N 224 
SER N    N N N 225 
SER CA   C N S 226 
SER C    C N N 227 
SER O    O N N 228 
SER CB   C N N 229 
SER OG   O N N 230 
SER OXT  O N N 231 
SER H    H N N 232 
SER H2   H N N 233 
SER HA   H N N 234 
SER HB2  H N N 235 
SER HB3  H N N 236 
SER HG   H N N 237 
SER HXT  H N N 238 
THR N    N N N 239 
THR CA   C N S 240 
THR C    C N N 241 
THR O    O N N 242 
THR CB   C N R 243 
THR OG1  O N N 244 
THR CG2  C N N 245 
THR OXT  O N N 246 
THR H    H N N 247 
THR H2   H N N 248 
THR HA   H N N 249 
THR HB   H N N 250 
THR HG1  H N N 251 
THR HG21 H N N 252 
THR HG22 H N N 253 
THR HG23 H N N 254 
THR HXT  H N N 255 
TOU C    C N N 256 
TOU S    S N N 257 
TOU N1   N N N 258 
TOU N2   N N N 259 
TOU HN11 H N N 260 
TOU HN12 H N N 261 
TOU HN21 H N N 262 
TOU HN22 H N N 263 
TRP N    N N N 264 
TRP CA   C N S 265 
TRP C    C N N 266 
TRP O    O N N 267 
TRP CB   C N N 268 
TRP CG   C Y N 269 
TRP CD1  C Y N 270 
TRP CD2  C Y N 271 
TRP NE1  N Y N 272 
TRP CE2  C Y N 273 
TRP CE3  C Y N 274 
TRP CZ2  C Y N 275 
TRP CZ3  C Y N 276 
TRP CH2  C Y N 277 
TRP OXT  O N N 278 
TRP H    H N N 279 
TRP H2   H N N 280 
TRP HA   H N N 281 
TRP HB2  H N N 282 
TRP HB3  H N N 283 
TRP HD1  H N N 284 
TRP HE1  H N N 285 
TRP HE3  H N N 286 
TRP HZ2  H N N 287 
TRP HZ3  H N N 288 
TRP HH2  H N N 289 
TRP HXT  H N N 290 
TYR N    N N N 291 
TYR CA   C N S 292 
TYR C    C N N 293 
TYR O    O N N 294 
TYR CB   C N N 295 
TYR CG   C Y N 296 
TYR CD1  C Y N 297 
TYR CD2  C Y N 298 
TYR CE1  C Y N 299 
TYR CE2  C Y N 300 
TYR CZ   C Y N 301 
TYR OH   O N N 302 
TYR OXT  O N N 303 
TYR H    H N N 304 
TYR H2   H N N 305 
TYR HA   H N N 306 
TYR HB2  H N N 307 
TYR HB3  H N N 308 
TYR HD1  H N N 309 
TYR HD2  H N N 310 
TYR HE1  H N N 311 
TYR HE2  H N N 312 
TYR HH   H N N 313 
TYR HXT  H N N 314 
# 
loop_
_chem_comp_bond.comp_id 
_chem_comp_bond.atom_id_1 
_chem_comp_bond.atom_id_2 
_chem_comp_bond.value_order 
_chem_comp_bond.pdbx_aromatic_flag 
_chem_comp_bond.pdbx_stereo_config 
_chem_comp_bond.pdbx_ordinal 
ALA N   CA   sing N N 1   
ALA N   H    sing N N 2   
ALA N   H2   sing N N 3   
ALA CA  C    sing N N 4   
ALA CA  CB   sing N N 5   
ALA CA  HA   sing N N 6   
ALA C   O    doub N N 7   
ALA C   OXT  sing N N 8   
ALA CB  HB1  sing N N 9   
ALA CB  HB2  sing N N 10  
ALA CB  HB3  sing N N 11  
ALA OXT HXT  sing N N 12  
ARG N   CA   sing N N 13  
ARG N   H    sing N N 14  
ARG N   H2   sing N N 15  
ARG CA  C    sing N N 16  
ARG CA  CB   sing N N 17  
ARG CA  HA   sing N N 18  
ARG C   O    doub N N 19  
ARG C   OXT  sing N N 20  
ARG CB  CG   sing N N 21  
ARG CB  HB2  sing N N 22  
ARG CB  HB3  sing N N 23  
ARG CG  CD   sing N N 24  
ARG CG  HG2  sing N N 25  
ARG CG  HG3  sing N N 26  
ARG CD  NE   sing N N 27  
ARG CD  HD2  sing N N 28  
ARG CD  HD3  sing N N 29  
ARG NE  CZ   sing N N 30  
ARG NE  HE   sing N N 31  
ARG CZ  NH1  sing N N 32  
ARG CZ  NH2  doub N N 33  
ARG NH1 HH11 sing N N 34  
ARG NH1 HH12 sing N N 35  
ARG NH2 HH21 sing N N 36  
ARG NH2 HH22 sing N N 37  
ARG OXT HXT  sing N N 38  
ASN N   CA   sing N N 39  
ASN N   H    sing N N 40  
ASN N   H2   sing N N 41  
ASN CA  C    sing N N 42  
ASN CA  CB   sing N N 43  
ASN CA  HA   sing N N 44  
ASN C   O    doub N N 45  
ASN C   OXT  sing N N 46  
ASN CB  CG   sing N N 47  
ASN CB  HB2  sing N N 48  
ASN CB  HB3  sing N N 49  
ASN CG  OD1  doub N N 50  
ASN CG  ND2  sing N N 51  
ASN ND2 HD21 sing N N 52  
ASN ND2 HD22 sing N N 53  
ASN OXT HXT  sing N N 54  
ASP N   CA   sing N N 55  
ASP N   H    sing N N 56  
ASP N   H2   sing N N 57  
ASP CA  C    sing N N 58  
ASP CA  CB   sing N N 59  
ASP CA  HA   sing N N 60  
ASP C   O    doub N N 61  
ASP C   OXT  sing N N 62  
ASP CB  CG   sing N N 63  
ASP CB  HB2  sing N N 64  
ASP CB  HB3  sing N N 65  
ASP CG  OD1  doub N N 66  
ASP CG  OD2  sing N N 67  
ASP OD2 HD2  sing N N 68  
ASP OXT HXT  sing N N 69  
CYS N   CA   sing N N 70  
CYS N   H    sing N N 71  
CYS N   H2   sing N N 72  
CYS CA  C    sing N N 73  
CYS CA  CB   sing N N 74  
CYS CA  HA   sing N N 75  
CYS C   O    doub N N 76  
CYS C   OXT  sing N N 77  
CYS CB  SG   sing N N 78  
CYS CB  HB2  sing N N 79  
CYS CB  HB3  sing N N 80  
CYS SG  HG   sing N N 81  
CYS OXT HXT  sing N N 82  
GLN N   CA   sing N N 83  
GLN N   H    sing N N 84  
GLN N   H2   sing N N 85  
GLN CA  C    sing N N 86  
GLN CA  CB   sing N N 87  
GLN CA  HA   sing N N 88  
GLN C   O    doub N N 89  
GLN C   OXT  sing N N 90  
GLN CB  CG   sing N N 91  
GLN CB  HB2  sing N N 92  
GLN CB  HB3  sing N N 93  
GLN CG  CD   sing N N 94  
GLN CG  HG2  sing N N 95  
GLN CG  HG3  sing N N 96  
GLN CD  OE1  doub N N 97  
GLN CD  NE2  sing N N 98  
GLN NE2 HE21 sing N N 99  
GLN NE2 HE22 sing N N 100 
GLN OXT HXT  sing N N 101 
GLU N   CA   sing N N 102 
GLU N   H    sing N N 103 
GLU N   H2   sing N N 104 
GLU CA  C    sing N N 105 
GLU CA  CB   sing N N 106 
GLU CA  HA   sing N N 107 
GLU C   O    doub N N 108 
GLU C   OXT  sing N N 109 
GLU CB  CG   sing N N 110 
GLU CB  HB2  sing N N 111 
GLU CB  HB3  sing N N 112 
GLU CG  CD   sing N N 113 
GLU CG  HG2  sing N N 114 
GLU CG  HG3  sing N N 115 
GLU CD  OE1  doub N N 116 
GLU CD  OE2  sing N N 117 
GLU OE2 HE2  sing N N 118 
GLU OXT HXT  sing N N 119 
GLY N   CA   sing N N 120 
GLY N   H    sing N N 121 
GLY N   H2   sing N N 122 
GLY CA  C    sing N N 123 
GLY CA  HA2  sing N N 124 
GLY CA  HA3  sing N N 125 
GLY C   O    doub N N 126 
GLY C   OXT  sing N N 127 
GLY OXT HXT  sing N N 128 
HIS N   CA   sing N N 129 
HIS N   H    sing N N 130 
HIS N   H2   sing N N 131 
HIS CA  C    sing N N 132 
HIS CA  CB   sing N N 133 
HIS CA  HA   sing N N 134 
HIS C   O    doub N N 135 
HIS C   OXT  sing N N 136 
HIS CB  CG   sing N N 137 
HIS CB  HB2  sing N N 138 
HIS CB  HB3  sing N N 139 
HIS CG  ND1  sing Y N 140 
HIS CG  CD2  doub Y N 141 
HIS ND1 CE1  doub Y N 142 
HIS ND1 HD1  sing N N 143 
HIS CD2 NE2  sing Y N 144 
HIS CD2 HD2  sing N N 145 
HIS CE1 NE2  sing Y N 146 
HIS CE1 HE1  sing N N 147 
HIS NE2 HE2  sing N N 148 
HIS OXT HXT  sing N N 149 
HOH O   H1   sing N N 150 
HOH O   H2   sing N N 151 
LEU N   CA   sing N N 152 
LEU N   H    sing N N 153 
LEU N   H2   sing N N 154 
LEU CA  C    sing N N 155 
LEU CA  CB   sing N N 156 
LEU CA  HA   sing N N 157 
LEU C   O    doub N N 158 
LEU C   OXT  sing N N 159 
LEU CB  CG   sing N N 160 
LEU CB  HB2  sing N N 161 
LEU CB  HB3  sing N N 162 
LEU CG  CD1  sing N N 163 
LEU CG  CD2  sing N N 164 
LEU CG  HG   sing N N 165 
LEU CD1 HD11 sing N N 166 
LEU CD1 HD12 sing N N 167 
LEU CD1 HD13 sing N N 168 
LEU CD2 HD21 sing N N 169 
LEU CD2 HD22 sing N N 170 
LEU CD2 HD23 sing N N 171 
LEU OXT HXT  sing N N 172 
LYS N   CA   sing N N 173 
LYS N   H    sing N N 174 
LYS N   H2   sing N N 175 
LYS CA  C    sing N N 176 
LYS CA  CB   sing N N 177 
LYS CA  HA   sing N N 178 
LYS C   O    doub N N 179 
LYS C   OXT  sing N N 180 
LYS CB  CG   sing N N 181 
LYS CB  HB2  sing N N 182 
LYS CB  HB3  sing N N 183 
LYS CG  CD   sing N N 184 
LYS CG  HG2  sing N N 185 
LYS CG  HG3  sing N N 186 
LYS CD  CE   sing N N 187 
LYS CD  HD2  sing N N 188 
LYS CD  HD3  sing N N 189 
LYS CE  NZ   sing N N 190 
LYS CE  HE2  sing N N 191 
LYS CE  HE3  sing N N 192 
LYS NZ  HZ1  sing N N 193 
LYS NZ  HZ2  sing N N 194 
LYS NZ  HZ3  sing N N 195 
LYS OXT HXT  sing N N 196 
PRO N   CA   sing N N 197 
PRO N   CD   sing N N 198 
PRO N   H    sing N N 199 
PRO CA  C    sing N N 200 
PRO CA  CB   sing N N 201 
PRO CA  HA   sing N N 202 
PRO C   O    doub N N 203 
PRO C   OXT  sing N N 204 
PRO CB  CG   sing N N 205 
PRO CB  HB2  sing N N 206 
PRO CB  HB3  sing N N 207 
PRO CG  CD   sing N N 208 
PRO CG  HG2  sing N N 209 
PRO CG  HG3  sing N N 210 
PRO CD  HD2  sing N N 211 
PRO CD  HD3  sing N N 212 
PRO OXT HXT  sing N N 213 
SER N   CA   sing N N 214 
SER N   H    sing N N 215 
SER N   H2   sing N N 216 
SER CA  C    sing N N 217 
SER CA  CB   sing N N 218 
SER CA  HA   sing N N 219 
SER C   O    doub N N 220 
SER C   OXT  sing N N 221 
SER CB  OG   sing N N 222 
SER CB  HB2  sing N N 223 
SER CB  HB3  sing N N 224 
SER OG  HG   sing N N 225 
SER OXT HXT  sing N N 226 
THR N   CA   sing N N 227 
THR N   H    sing N N 228 
THR N   H2   sing N N 229 
THR CA  C    sing N N 230 
THR CA  CB   sing N N 231 
THR CA  HA   sing N N 232 
THR C   O    doub N N 233 
THR C   OXT  sing N N 234 
THR CB  OG1  sing N N 235 
THR CB  CG2  sing N N 236 
THR CB  HB   sing N N 237 
THR OG1 HG1  sing N N 238 
THR CG2 HG21 sing N N 239 
THR CG2 HG22 sing N N 240 
THR CG2 HG23 sing N N 241 
THR OXT HXT  sing N N 242 
TOU C   S    doub N N 243 
TOU C   N1   sing N N 244 
TOU C   N2   sing N N 245 
TOU N1  HN11 sing N N 246 
TOU N1  HN12 sing N N 247 
TOU N2  HN21 sing N N 248 
TOU N2  HN22 sing N N 249 
TRP N   CA   sing N N 250 
TRP N   H    sing N N 251 
TRP N   H2   sing N N 252 
TRP CA  C    sing N N 253 
TRP CA  CB   sing N N 254 
TRP CA  HA   sing N N 255 
TRP C   O    doub N N 256 
TRP C   OXT  sing N N 257 
TRP CB  CG   sing N N 258 
TRP CB  HB2  sing N N 259 
TRP CB  HB3  sing N N 260 
TRP CG  CD1  doub Y N 261 
TRP CG  CD2  sing Y N 262 
TRP CD1 NE1  sing Y N 263 
TRP CD1 HD1  sing N N 264 
TRP CD2 CE2  doub Y N 265 
TRP CD2 CE3  sing Y N 266 
TRP NE1 CE2  sing Y N 267 
TRP NE1 HE1  sing N N 268 
TRP CE2 CZ2  sing Y N 269 
TRP CE3 CZ3  doub Y N 270 
TRP CE3 HE3  sing N N 271 
TRP CZ2 CH2  doub Y N 272 
TRP CZ2 HZ2  sing N N 273 
TRP CZ3 CH2  sing Y N 274 
TRP CZ3 HZ3  sing N N 275 
TRP CH2 HH2  sing N N 276 
TRP OXT HXT  sing N N 277 
TYR N   CA   sing N N 278 
TYR N   H    sing N N 279 
TYR N   H2   sing N N 280 
TYR CA  C    sing N N 281 
TYR CA  CB   sing N N 282 
TYR CA  HA   sing N N 283 
TYR C   O    doub N N 284 
TYR C   OXT  sing N N 285 
TYR CB  CG   sing N N 286 
TYR CB  HB2  sing N N 287 
TYR CB  HB3  sing N N 288 
TYR CG  CD1  doub Y N 289 
TYR CG  CD2  sing Y N 290 
TYR CD1 CE1  sing Y N 291 
TYR CD1 HD1  sing N N 292 
TYR CD2 CE2  doub Y N 293 
TYR CD2 HD2  sing N N 294 
TYR CE1 CZ   doub Y N 295 
TYR CE1 HE1  sing N N 296 
TYR CE2 CZ   sing Y N 297 
TYR CE2 HE2  sing N N 298 
TYR CZ  OH   sing N N 299 
TYR OH  HH   sing N N 300 
TYR OXT HXT  sing N N 301 
# 
loop_
_pdbx_audit_support.funding_organization 
_pdbx_audit_support.country 
_pdbx_audit_support.grant_number 
_pdbx_audit_support.ordinal 
DGAPA-UNAM                                           Mexico IN207613 1 
'Consejo Nacional de Ciencia y Tecnologia (CONACYT)' Mexico 166472   2 
# 
_atom_sites.entry_id                    4WP4 
_atom_sites.fract_transf_matrix[1][1]   0.01228304 
_atom_sites.fract_transf_matrix[1][2]   -0.00861065 
_atom_sites.fract_transf_matrix[1][3]   0.02705139 
_atom_sites.fract_transf_matrix[2][1]   -0.00824430 
_atom_sites.fract_transf_matrix[2][2]   -0.02689311 
_atom_sites.fract_transf_matrix[2][3]   0.01286781 
_atom_sites.fract_transf_matrix[3][1]   0.01525801 
_atom_sites.fract_transf_matrix[3][2]   -0.00942840 
_atom_sites.fract_transf_matrix[3][3]   -0.00992922 
_atom_sites.fract_transf_vector[1]      0.501113 
_atom_sites.fract_transf_vector[2]      0.327736 
_atom_sites.fract_transf_vector[3]      0.261323 
# 
loop_
_atom_type.symbol 
C 
N 
O 
S 
# 
loop_
_atom_site.group_PDB 
_atom_site.id 
_atom_site.type_symbol 
_atom_site.label_atom_id 
_atom_site.label_alt_id 
_atom_site.label_comp_id 
_atom_site.label_asym_id 
_atom_site.label_entity_id 
_atom_site.label_seq_id 
_atom_site.pdbx_PDB_ins_code 
_atom_site.Cartn_x 
_atom_site.Cartn_y 
_atom_site.Cartn_z 
_atom_site.occupancy 
_atom_site.B_iso_or_equiv 
_atom_site.pdbx_formal_charge 
_atom_site.auth_seq_id 
_atom_site.auth_comp_id 
_atom_site.auth_asym_id 
_atom_site.auth_atom_id 
_atom_site.pdbx_PDB_model_num 
ATOM   1   N N   . GLU A 1 1  ? 6.347   1.562   10.008  1.00 23.01 ? 1   GLU A N   1 
ATOM   2   C CA  . GLU A 1 1  ? 5.584   1.357   8.774   1.00 16.47 ? 1   GLU A CA  1 
ATOM   3   C C   . GLU A 1 1  ? 5.797   -0.056  8.285   1.00 17.83 ? 1   GLU A C   1 
ATOM   4   O O   . GLU A 1 1  ? 6.847   -0.630  8.529   1.00 21.18 ? 1   GLU A O   1 
ATOM   5   C CB  . GLU A 1 1  ? 5.986   2.375   7.706   1.00 18.85 ? 1   GLU A CB  1 
ATOM   6   C CG  . GLU A 1 1  ? 5.319   3.767   7.850   1.00 19.40 ? 1   GLU A CG  1 
ATOM   7   C CD  . GLU A 1 1  ? 5.926   4.673   8.909   1.00 31.22 ? 1   GLU A CD  1 
ATOM   8   O OE1 . GLU A 1 1  ? 6.155   4.212   10.068  1.00 33.06 ? 1   GLU A OE1 1 
ATOM   9   O OE2 . GLU A 1 1  ? 6.157   5.871   8.569   1.00 32.64 ? 1   GLU A OE2 1 
ATOM   10  N N   . GLN A 1 2  ? 4.819   -0.587  7.564   1.00 15.94 ? 2   GLN A N   1 
ATOM   11  C CA  . GLN A 1 2  ? 4.812   -1.959  7.096   1.00 16.66 ? 2   GLN A CA  1 
ATOM   12  C C   . GLN A 1 2  ? 5.321   -2.134  5.689   1.00 14.67 ? 2   GLN A C   1 
ATOM   13  O O   . GLN A 1 2  ? 5.801   -3.220  5.326   1.00 17.49 ? 2   GLN A O   1 
ATOM   14  C CB  . GLN A 1 2  ? 3.390   -2.517  7.110   1.00 19.96 ? 2   GLN A CB  1 
ATOM   15  C CG  . GLN A 1 2  ? 2.788   -2.809  8.426   1.00 25.18 ? 2   GLN A CG  1 
ATOM   16  C CD  . GLN A 1 2  ? 1.374   -3.284  8.207   1.00 28.22 ? 2   GLN A CD  1 
ATOM   17  O OE1 . GLN A 1 2  ? 0.497   -2.477  7.920   1.00 23.32 ? 2   GLN A OE1 1 
ATOM   18  N NE2 . GLN A 1 2  ? 1.148   -4.599  8.291   1.00 33.43 ? 2   GLN A NE2 1 
ATOM   19  N N   . CYS A 1 3  ? 5.201   -1.100  4.857   1.00 14.60 ? 3   CYS A N   1 
ATOM   20  C CA  . CYS A 1 3  ? 5.387   -1.342  3.422   1.00 13.95 ? 3   CYS A CA  1 
ATOM   21  C C   . CYS A 1 3  ? 5.756   -0.087  2.685   1.00 14.07 ? 3   CYS A C   1 
ATOM   22  O O   . CYS A 1 3  ? 5.669   1.031   3.215   1.00 14.25 ? 3   CYS A O   1 
ATOM   23  C CB  . CYS A 1 3  ? 4.102   -1.955  2.825   1.00 12.67 ? 3   CYS A CB  1 
ATOM   24  S SG  . CYS A 1 3  ? 2.659   -0.822  2.998   1.00 13.60 ? 3   CYS A SG  1 
ATOM   25  N N   . GLY A 1 4  ? 6.135   -0.257  1.441   1.00 12.47 ? 4   GLY A N   1 
ATOM   26  C CA  . GLY A 1 4  ? 6.245   0.900   0.586   1.00 12.90 ? 4   GLY A CA  1 
ATOM   27  C C   . GLY A 1 4  ? 7.515   1.716   0.775   1.00 12.39 ? 4   GLY A C   1 
ATOM   28  O O   . GLY A 1 4  ? 8.488   1.232   1.377   1.00 13.44 ? 4   GLY A O   1 
ATOM   29  N N   . ARG A 1 5  ? 7.557   2.947   0.262   1.00 12.33 ? 5   ARG A N   1 
ATOM   30  C CA  A ARG A 1 5  ? 8.755   3.800   0.319   0.54 14.06 ? 5   ARG A CA  1 
ATOM   31  C CA  B ARG A 1 5  ? 8.851   3.630   0.287   0.46 14.16 ? 5   ARG A CA  1 
ATOM   32  C C   . ARG A 1 5  ? 9.252   3.956   1.723   1.00 13.80 ? 5   ARG A C   1 
ATOM   33  O O   . ARG A 1 5  ? 10.455  3.998   1.987   1.00 16.35 ? 5   ARG A O   1 
ATOM   34  C CB  A ARG A 1 5  ? 8.437   5.168   -0.270  0.54 15.37 ? 5   ARG A CB  1 
ATOM   35  C CB  B ARG A 1 5  ? 8.850   4.879   -0.593  0.46 16.13 ? 5   ARG A CB  1 
ATOM   36  C CG  A ARG A 1 5  ? 8.291   5.115   -1.763  0.54 14.48 ? 5   ARG A CG  1 
ATOM   37  C CG  B ARG A 1 5  ? 7.670   5.770   -0.410  0.46 13.52 ? 5   ARG A CG  1 
ATOM   38  C CD  A ARG A 1 5  ? 7.976   6.499   -2.327  0.54 17.65 ? 5   ARG A CD  1 
ATOM   39  C CD  B ARG A 1 5  ? 7.670   6.940   -1.423  0.46 15.58 ? 5   ARG A CD  1 
ATOM   40  N NE  A ARG A 1 5  ? 7.878   6.462   -3.776  0.54 20.65 ? 5   ARG A NE  1 
ATOM   41  N NE  B ARG A 1 5  ? 7.613   6.540   -2.829  0.46 16.65 ? 5   ARG A NE  1 
ATOM   42  C CZ  A ARG A 1 5  ? 6.751   6.222   -4.428  0.54 19.73 ? 5   ARG A CZ  1 
ATOM   43  C CZ  B ARG A 1 5  ? 6.492   6.435   -3.537  0.46 17.81 ? 5   ARG A CZ  1 
ATOM   44  N NH1 A ARG A 1 5  ? 5.620   6.012   -3.770  0.54 20.32 ? 5   ARG A NH1 1 
ATOM   45  N NH1 B ARG A 1 5  ? 5.319   6.631   -2.941  0.46 18.06 ? 5   ARG A NH1 1 
ATOM   46  N NH2 A ARG A 1 5  ? 6.764   6.190   -5.752  0.54 23.79 ? 5   ARG A NH2 1 
ATOM   47  N NH2 B ARG A 1 5  ? 6.537   6.061   -4.802  0.46 22.15 ? 5   ARG A NH2 1 
ATOM   48  N N   . GLN A 1 6  ? 8.296   4.077   2.645   1.00 13.93 ? 6   GLN A N   1 
ATOM   49  C CA  . GLN A 1 6  ? 8.631   4.315   4.059   1.00 14.98 ? 6   GLN A CA  1 
ATOM   50  C C   . GLN A 1 6  ? 9.377   3.152   4.673   1.00 16.37 ? 6   GLN A C   1 
ATOM   51  O O   . GLN A 1 6  ? 10.092  3.324   5.666   1.00 19.35 ? 6   GLN A O   1 
ATOM   52  C CB  . GLN A 1 6  ? 7.362   4.615   4.860   1.00 15.55 ? 6   GLN A CB  1 
ATOM   53  C CG  . GLN A 1 6  ? 6.715   5.925   4.465   1.00 16.01 ? 6   GLN A CG  1 
ATOM   54  C CD  . GLN A 1 6  ? 5.689   5.804   3.331   1.00 15.50 ? 6   GLN A CD  1 
ATOM   55  O OE1 . GLN A 1 6  ? 5.591   4.783   2.642   1.00 14.01 ? 6   GLN A OE1 1 
ATOM   56  N NE2 . GLN A 1 6  ? 4.900   6.868   3.156   1.00 15.38 ? 6   GLN A NE2 1 
ATOM   57  N N   . ALA A 1 7  ? 9.218   1.977   4.083   1.00 13.73 ? 7   ALA A N   1 
ATOM   58  C CA  . ALA A 1 7  ? 9.854   0.767   4.571   1.00 14.88 ? 7   ALA A CA  1 
ATOM   59  C C   . ALA A 1 7  ? 10.773  0.129   3.515   1.00 14.75 ? 7   ALA A C   1 
ATOM   60  O O   . ALA A 1 7  ? 10.973  -1.085  3.474   1.00 15.60 ? 7   ALA A O   1 
ATOM   61  C CB  . ALA A 1 7  ? 8.773   -0.232  5.001   1.00 16.75 ? 7   ALA A CB  1 
ATOM   62  N N   . GLY A 1 8  ? 11.364  0.956   2.661   1.00 13.91 ? 8   GLY A N   1 
ATOM   63  C CA  . GLY A 1 8  ? 12.320  0.467   1.695   1.00 14.10 ? 8   GLY A CA  1 
ATOM   64  C C   . GLY A 1 8  ? 11.805  -0.606  0.741   1.00 14.25 ? 8   GLY A C   1 
ATOM   65  O O   . GLY A 1 8  ? 12.550  -1.453  0.273   1.00 15.32 ? 8   GLY A O   1 
ATOM   66  N N   . GLY A 1 9  ? 10.522  -0.488  0.425   1.00 13.58 ? 9   GLY A N   1 
ATOM   67  C CA  . GLY A 1 9  ? 9.913   -1.305  -0.592  1.00 14.69 ? 9   GLY A CA  1 
ATOM   68  C C   . GLY A 1 9  ? 9.226   -2.562  -0.135  1.00 14.36 ? 9   GLY A C   1 
ATOM   69  O O   . GLY A 1 9  ? 8.761   -3.326  -0.976  1.00 16.15 ? 9   GLY A O   1 
ATOM   70  N N   . LYS A 1 10 ? 9.204   -2.838  1.169   1.00 15.89 ? 10  LYS A N   1 
ATOM   71  C CA  . LYS A 1 10 ? 8.511   -4.068  1.641   1.00 16.52 ? 10  LYS A CA  1 
ATOM   72  C C   . LYS A 1 10 ? 7.097   -4.167  1.034   1.00 15.78 ? 10  LYS A C   1 
ATOM   73  O O   . LYS A 1 10 ? 6.372   -3.163  0.908   1.00 15.64 ? 10  LYS A O   1 
ATOM   74  C CB  . LYS A 1 10 ? 8.382   -4.067  3.153   1.00 19.38 ? 10  LYS A CB  1 
ATOM   75  C CG  . LYS A 1 10 ? 9.651   -4.265  3.949   1.00 21.60 ? 10  LYS A CG  1 
ATOM   76  C CD  . LYS A 1 10 ? 9.247   -4.685  5.399   1.00 25.63 ? 10  LYS A CD  1 
ATOM   77  C CE  . LYS A 1 10 ? 10.160  -4.124  6.434   1.00 29.32 ? 10  LYS A CE  1 
ATOM   78  N NZ  . LYS A 1 10 ? 9.905   -4.604  7.850   1.00 27.59 ? 10  LYS A NZ  1 
ATOM   79  N N   . LEU A 1 11 ? 6.750   -5.390  0.648   1.00 19.61 ? 11  LEU A N   1 
ATOM   80  C CA  . LEU A 1 11 ? 5.381   -5.670  0.239   1.00 18.34 ? 11  LEU A CA  1 
ATOM   81  C C   . LEU A 1 11 ? 4.562   -6.094  1.434   1.00 17.75 ? 11  LEU A C   1 
ATOM   82  O O   . LEU A 1 11 ? 5.076   -6.669  2.422   1.00 20.58 ? 11  LEU A O   1 
ATOM   83  C CB  . LEU A 1 11 ? 5.376   -6.768  -0.817  1.00 19.95 ? 11  LEU A CB  1 
ATOM   84  C CG  . LEU A 1 11 ? 5.947   -6.399  -2.189  1.00 25.33 ? 11  LEU A CG  1 
ATOM   85  C CD1 . LEU A 1 11 ? 5.910   -7.612  -3.145  1.00 26.85 ? 11  LEU A CD1 1 
ATOM   86  C CD2 . LEU A 1 11 ? 5.082   -5.282  -2.734  1.00 28.52 ? 11  LEU A CD2 1 
ATOM   87  N N   . CYS A 1 12 ? 3.267   -5.868  1.324   1.00 16.56 ? 12  CYS A N   1 
ATOM   88  C CA  . CYS A 1 12 ? 2.356   -6.311  2.365   1.00 16.05 ? 12  CYS A CA  1 
ATOM   89  C C   . CYS A 1 12 ? 2.151   -7.819  2.347   1.00 16.26 ? 12  CYS A C   1 
ATOM   90  O O   . CYS A 1 12 ? 2.217   -8.445  1.301   1.00 18.84 ? 12  CYS A O   1 
ATOM   91  C CB  . CYS A 1 12 ? 1.006   -5.651  2.164   1.00 17.36 ? 12  CYS A CB  1 
ATOM   92  S SG  . CYS A 1 12 ? 1.015   -3.909  2.426   1.00 15.91 ? 12  CYS A SG  1 
ATOM   93  N N   . PRO A 1 13 ? 1.848   -8.395  3.497   1.00 17.98 ? 13  PRO A N   1 
ATOM   94  C CA  . PRO A 1 13 ? 1.376   -9.776  3.509   1.00 19.58 ? 13  PRO A CA  1 
ATOM   95  C C   . PRO A 1 13 ? -0.035  -9.910  2.943   1.00 17.64 ? 13  PRO A C   1 
ATOM   96  O O   . PRO A 1 13 ? -0.728  -8.904  2.814   1.00 18.40 ? 13  PRO A O   1 
ATOM   97  C CB  . PRO A 1 13 ? 1.411   -10.156 5.005   1.00 23.13 ? 13  PRO A CB  1 
ATOM   98  C CG  . PRO A 1 13 ? 1.249   -8.904  5.718   1.00 22.45 ? 13  PRO A CG  1 
ATOM   99  C CD  . PRO A 1 13 ? 1.868   -7.805  4.841   1.00 21.25 ? 13  PRO A CD  1 
ATOM   100 N N   . ASN A 1 14 ? -0.392  -11.139 2.598   1.00 20.09 ? 14  ASN A N   1 
ATOM   101 C CA  . ASN A 1 14 ? -1.747  -11.490 2.224   1.00 21.98 ? 14  ASN A CA  1 
ATOM   102 C C   . ASN A 1 14 ? -2.338  -10.634 1.123   1.00 20.08 ? 14  ASN A C   1 
ATOM   103 O O   . ASN A 1 14 ? -3.530  -10.331 1.129   1.00 19.83 ? 14  ASN A O   1 
ATOM   104 C CB  . ASN A 1 14 ? -2.633  -11.442 3.462   1.00 24.57 ? 14  ASN A CB  1 
ATOM   105 C CG  . ASN A 1 14 ? -3.874  -12.333 3.338   1.00 26.68 ? 14  ASN A CG  1 
ATOM   106 O OD1 . ASN A 1 14 ? -3.939  -13.305 2.556   1.00 29.27 ? 14  ASN A OD1 1 
ATOM   107 N ND2 . ASN A 1 14 ? -4.859  -12.009 4.132   1.00 26.17 ? 14  ASN A ND2 1 
ATOM   108 N N   . ASN A 1 15 ? -1.520  -10.285 0.162   1.00 19.28 ? 15  ASN A N   1 
ATOM   109 C CA  . ASN A 1 15 ? -1.960  -9.581  -1.048  1.00 19.15 ? 15  ASN A CA  1 
ATOM   110 C C   . ASN A 1 15 ? -2.498  -8.183  -0.747  1.00 17.50 ? 15  ASN A C   1 
ATOM   111 O O   . ASN A 1 15 ? -3.193  -7.593  -1.577  1.00 18.63 ? 15  ASN A O   1 
ATOM   112 C CB  . ASN A 1 15 ? -3.013  -10.422 -1.821  1.00 19.22 ? 15  ASN A CB  1 
ATOM   113 C CG  . ASN A 1 15 ? -2.588  -11.848 -2.010  1.00 20.98 ? 15  ASN A CG  1 
ATOM   114 O OD1 . ASN A 1 15 ? -1.481  -12.107 -2.468  1.00 25.17 ? 15  ASN A OD1 1 
ATOM   115 N ND2 . ASN A 1 15 ? -3.454  -12.785 -1.654  1.00 27.18 ? 15  ASN A ND2 1 
ATOM   116 N N   . LEU A 1 16 ? -2.226  -7.654  0.442   1.00 14.76 ? 16  LEU A N   1 
ATOM   117 C CA  . LEU A 1 16 ? -2.824  -6.377  0.829   1.00 14.39 ? 16  LEU A CA  1 
ATOM   118 C C   . LEU A 1 16 ? -2.237  -5.196  0.084   1.00 15.16 ? 16  LEU A C   1 
ATOM   119 O O   . LEU A 1 16 ? -1.093  -5.237  -0.399  1.00 17.00 ? 16  LEU A O   1 
ATOM   120 C CB  . LEU A 1 16 ? -2.696  -6.183  2.345   1.00 15.73 ? 16  LEU A CB  1 
ATOM   121 C CG  . LEU A 1 16 ? -3.585  -7.129  3.156   1.00 17.57 ? 16  LEU A CG  1 
ATOM   122 C CD1 . LEU A 1 16 ? -3.075  -7.045  4.580   1.00 21.53 ? 16  LEU A CD1 1 
ATOM   123 C CD2 . LEU A 1 16 ? -5.051  -6.723  3.066   1.00 18.57 ? 16  LEU A CD2 1 
ATOM   124 N N   . CYS A 1 17 ? -3.011  -4.133  -0.020  1.00 14.05 ? 17  CYS A N   1 
ATOM   125 C CA  . CYS A 1 17 ? -2.566  -2.912  -0.677  1.00 13.54 ? 17  CYS A CA  1 
ATOM   126 C C   . CYS A 1 17 ? -1.700  -2.106  0.263   1.00 13.68 ? 17  CYS A C   1 
ATOM   127 O O   . CYS A 1 17 ? -1.991  -1.988  1.443   1.00 13.20 ? 17  CYS A O   1 
ATOM   128 C CB  . CYS A 1 17 ? -3.738  -2.013  -1.073  1.00 14.61 ? 17  CYS A CB  1 
ATOM   129 S SG  . CYS A 1 17 ? -5.001  -2.805  -2.055  1.00 15.12 ? 17  CYS A SG  1 
ATOM   130 N N   . CYS A 1 18 ? -0.633  -1.517  -0.265  1.00 12.52 ? 18  CYS A N   1 
ATOM   131 C CA  . CYS A 1 18 ? 0.209   -0.622  0.522   1.00 12.80 ? 18  CYS A CA  1 
ATOM   132 C C   . CYS A 1 18 ? -0.237  0.813   0.304   1.00 12.36 ? 18  CYS A C   1 
ATOM   133 O O   . CYS A 1 18 ? -0.127  1.338   -0.817  1.00 12.72 ? 18  CYS A O   1 
ATOM   134 C CB  . CYS A 1 18 ? 1.673   -0.754  0.147   1.00 12.40 ? 18  CYS A CB  1 
ATOM   135 S SG  . CYS A 1 18 ? 2.729   0.255   1.223   1.00 13.59 ? 18  CYS A SG  1 
ATOM   136 N N   . SER A 1 19 ? -0.749  1.459   1.362   1.00 11.57 ? 19  SER A N   1 
ATOM   137 C CA  . SER A 1 19 ? -1.232  2.817   1.183   1.00 11.22 ? 19  SER A CA  1 
ATOM   138 C C   . SER A 1 19 ? -0.093  3.803   0.946   1.00 12.54 ? 19  SER A C   1 
ATOM   139 O O   . SER A 1 19 ? 1.074   3.477   1.172   1.00 12.38 ? 19  SER A O   1 
ATOM   140 C CB  . SER A 1 19 ? -1.994  3.271   2.400   1.00 11.08 ? 19  SER A CB  1 
ATOM   141 O OG  . SER A 1 19 ? -1.089  3.613   3.464   1.00 12.45 ? 19  SER A OG  1 
ATOM   142 N N   . GLN A 1 20 ? -0.445  5.030   0.607   1.00 11.58 ? 20  GLN A N   1 
ATOM   143 C CA  . GLN A 1 20 ? 0.562   6.075   0.435   1.00 11.87 ? 20  GLN A CA  1 
ATOM   144 C C   . GLN A 1 20 ? 1.343   6.340   1.712   1.00 13.24 ? 20  GLN A C   1 
ATOM   145 O O   . GLN A 1 20 ? 2.398   6.960   1.628   1.00 13.81 ? 20  GLN A O   1 
ATOM   146 C CB  . GLN A 1 20 ? -0.109  7.373   -0.036  1.00 13.70 ? 20  GLN A CB  1 
ATOM   147 C CG  . GLN A 1 20 ? -1.115  7.940   0.973   1.00 14.75 ? 20  GLN A CG  1 
ATOM   148 C CD  . GLN A 1 20 ? -1.956  9.055   0.394   1.00 14.75 ? 20  GLN A CD  1 
ATOM   149 O OE1 . GLN A 1 20 ? -1.463  9.828   -0.449  1.00 17.01 ? 20  GLN A OE1 1 
ATOM   150 N NE2 . GLN A 1 20 ? -3.207  9.172   0.861   1.00 16.71 ? 20  GLN A NE2 1 
ATOM   151 N N   . TRP A 1 21 ? 0.825   5.908   2.851   1.00 12.41 ? 21  TRP A N   1 
ATOM   152 C CA  . TRP A 1 21 ? 1.443   6.117   4.141   1.00 12.50 ? 21  TRP A CA  1 
ATOM   153 C C   . TRP A 1 21 ? 2.369   4.981   4.552   1.00 14.58 ? 21  TRP A C   1 
ATOM   154 O O   . TRP A 1 21 ? 3.054   5.099   5.566   1.00 15.20 ? 21  TRP A O   1 
ATOM   155 C CB  . TRP A 1 21 ? 0.367   6.299   5.214   1.00 12.03 ? 21  TRP A CB  1 
ATOM   156 C CG  . TRP A 1 21 ? -0.472  7.516   4.960   1.00 12.52 ? 21  TRP A CG  1 
ATOM   157 C CD1 . TRP A 1 21 ? -1.765  7.549   4.480   1.00 14.48 ? 21  TRP A CD1 1 
ATOM   158 C CD2 . TRP A 1 21 ? -0.064  8.885   5.129   1.00 13.31 ? 21  TRP A CD2 1 
ATOM   159 N NE1 . TRP A 1 21 ? -2.177  8.846   4.372   1.00 15.06 ? 21  TRP A NE1 1 
ATOM   160 C CE2 . TRP A 1 21 ? -1.162  9.692   4.770   1.00 14.19 ? 21  TRP A CE2 1 
ATOM   161 C CE3 . TRP A 1 21 ? 1.113   9.500   5.591   1.00 15.41 ? 21  TRP A CE3 1 
ATOM   162 C CZ2 . TRP A 1 21 ? -1.118  11.092  4.827   1.00 18.61 ? 21  TRP A CZ2 1 
ATOM   163 C CZ3 . TRP A 1 21 ? 1.155   10.899  5.668   1.00 15.01 ? 21  TRP A CZ3 1 
ATOM   164 C CH2 . TRP A 1 21 ? 0.032   11.680  5.303   1.00 16.88 ? 21  TRP A CH2 1 
ATOM   165 N N   . GLY A 1 22 ? 2.358   3.862   3.806   1.00 11.51 ? 22  GLY A N   1 
ATOM   166 C CA  . GLY A 1 22 ? 3.210   2.737   4.168   1.00 14.14 ? 22  GLY A CA  1 
ATOM   167 C C   . GLY A 1 22 ? 2.552   1.770   5.120   1.00 12.81 ? 22  GLY A C   1 
ATOM   168 O O   . GLY A 1 22 ? 3.239   1.078   5.865   1.00 13.40 ? 22  GLY A O   1 
ATOM   169 N N   . TRP A 1 23 ? 1.222   1.672   5.076   1.00 11.82 ? 23  TRP A N   1 
ATOM   170 C CA  . TRP A 1 23 ? 0.522   0.661   5.866   1.00 12.36 ? 23  TRP A CA  1 
ATOM   171 C C   . TRP A 1 23 ? -0.330  -0.226  4.977   1.00 12.15 ? 23  TRP A C   1 
ATOM   172 O O   . TRP A 1 23 ? -0.724  0.181   3.866   1.00 12.98 ? 23  TRP A O   1 
ATOM   173 C CB  . TRP A 1 23 ? -0.352  1.323   6.927   1.00 15.20 ? 23  TRP A CB  1 
ATOM   174 C CG  . TRP A 1 23 ? 0.461   2.185   7.881   1.00 14.13 ? 23  TRP A CG  1 
ATOM   175 C CD1 . TRP A 1 23 ? 0.602   3.554   7.838   1.00 16.35 ? 23  TRP A CD1 1 
ATOM   176 C CD2 . TRP A 1 23 ? 1.247   1.737   8.988   1.00 16.25 ? 23  TRP A CD2 1 
ATOM   177 N NE1 . TRP A 1 23 ? 1.420   3.959   8.857   1.00 17.14 ? 23  TRP A NE1 1 
ATOM   178 C CE2 . TRP A 1 23 ? 1.834   2.874   9.568   1.00 17.72 ? 23  TRP A CE2 1 
ATOM   179 C CE3 . TRP A 1 23 ? 1.528   0.473   9.528   1.00 19.70 ? 23  TRP A CE3 1 
ATOM   180 C CZ2 . TRP A 1 23 ? 2.682   2.801   10.687  1.00 19.41 ? 23  TRP A CZ2 1 
ATOM   181 C CZ3 . TRP A 1 23 ? 2.363   0.401   10.666  1.00 23.10 ? 23  TRP A CZ3 1 
ATOM   182 C CH2 . TRP A 1 23 ? 2.919   1.563   11.219  1.00 23.60 ? 23  TRP A CH2 1 
ATOM   183 N N   . CYS A 1 24 ? -0.638  -1.420  5.467   1.00 13.38 ? 24  CYS A N   1 
ATOM   184 C CA  . CYS A 1 24 ? -1.338  -2.398  4.658   1.00 14.44 ? 24  CYS A CA  1 
ATOM   185 C C   . CYS A 1 24 ? -2.814  -2.483  4.927   1.00 15.40 ? 24  CYS A C   1 
ATOM   186 O O   . CYS A 1 24 ? -3.246  -2.500  6.090   1.00 17.73 ? 24  CYS A O   1 
ATOM   187 C CB  . CYS A 1 24 ? -0.740  -3.777  4.927   1.00 15.79 ? 24  CYS A CB  1 
ATOM   188 S SG  . CYS A 1 24 ? 1.052   -3.844  4.504   1.00 17.03 ? 24  CYS A SG  1 
ATOM   189 N N   . GLY A 1 25 ? -3.605  -2.601  3.864   1.00 11.98 ? 25  GLY A N   1 
ATOM   190 C CA  . GLY A 1 25 ? -5.042  -2.694  4.052   1.00 13.55 ? 25  GLY A CA  1 
ATOM   191 C C   . GLY A 1 25 ? -5.778  -3.039  2.777   1.00 12.75 ? 25  GLY A C   1 
ATOM   192 O O   . GLY A 1 25 ? -5.150  -3.310  1.724   1.00 13.86 ? 25  GLY A O   1 
ATOM   193 N N   . SER A 1 26 ? -7.116  -3.062  2.849   1.00 13.82 ? 26  SER A N   1 
ATOM   194 C CA  . SER A 1 26 ? -7.919  -3.613  1.764   1.00 13.82 ? 26  SER A CA  1 
ATOM   195 C C   . SER A 1 26 ? -9.063  -2.701  1.307   1.00 14.32 ? 26  SER A C   1 
ATOM   196 O O   . SER A 1 26 ? -9.907  -3.122  0.525   1.00 16.97 ? 26  SER A O   1 
ATOM   197 C CB  . SER A 1 26 ? -8.505  -4.985  2.197   1.00 17.59 ? 26  SER A CB  1 
ATOM   198 O OG  . SER A 1 26 ? -9.285  -4.827  3.396   1.00 19.80 ? 26  SER A OG  1 
ATOM   199 N N   . THR A 1 27 ? -9.084  -1.473  1.821   1.00 15.44 ? 27  THR A N   1 
ATOM   200 C CA  . THR A 1 27 ? -10.132 -0.534  1.468   1.00 15.90 ? 27  THR A CA  1 
ATOM   201 C C   . THR A 1 27 ? -9.537  0.618   0.636   1.00 15.40 ? 27  THR A C   1 
ATOM   202 O O   . THR A 1 27 ? -8.346  0.679   0.378   1.00 15.94 ? 27  THR A O   1 
ATOM   203 C CB  . THR A 1 27 ? -10.854 -0.008  2.734   1.00 17.73 ? 27  THR A CB  1 
ATOM   204 O OG1 . THR A 1 27 ? -9.855  0.417   3.658   1.00 20.90 ? 27  THR A OG1 1 
ATOM   205 C CG2 . THR A 1 27 ? -11.656 -1.122  3.359   1.00 21.67 ? 27  THR A CG2 1 
ATOM   206 N N   . ASP A 1 28 ? -10.435 1.499   0.207   1.00 15.87 ? 28  ASP A N   1 
ATOM   207 C CA  . ASP A 1 28 ? -10.095 2.483   -0.815  1.00 17.97 ? 28  ASP A CA  1 
ATOM   208 C C   . ASP A 1 28 ? -8.915  3.371   -0.454  1.00 16.26 ? 28  ASP A C   1 
ATOM   209 O O   . ASP A 1 28 ? -8.115  3.729   -1.328  1.00 15.75 ? 28  ASP A O   1 
ATOM   210 C CB  . ASP A 1 28 ? -11.333 3.316   -1.082  1.00 20.17 ? 28  ASP A CB  1 
ATOM   211 C CG  . ASP A 1 28 ? -11.189 4.230   -2.273  1.00 27.66 ? 28  ASP A CG  1 
ATOM   212 O OD1 . ASP A 1 28 ? -11.177 3.726   -3.418  1.00 32.40 ? 28  ASP A OD1 1 
ATOM   213 O OD2 . ASP A 1 28 ? -11.132 5.458   -2.053  1.00 31.43 ? 28  ASP A OD2 1 
ATOM   214 N N   . GLU A 1 29 ? -8.766  3.752   0.816   1.00 14.84 ? 29  GLU A N   1 
ATOM   215 C CA  . GLU A 1 29 ? -7.657  4.619   1.169   1.00 15.02 ? 29  GLU A CA  1 
ATOM   216 C C   . GLU A 1 29 ? -6.306  3.944   1.023   1.00 13.77 ? 29  GLU A C   1 
ATOM   217 O O   . GLU A 1 29 ? -5.272  4.599   0.990   1.00 15.84 ? 29  GLU A O   1 
ATOM   218 C CB  . GLU A 1 29 ? -7.774  5.151   2.616   1.00 17.36 ? 29  GLU A CB  1 
ATOM   219 C CG  . GLU A 1 29 ? -8.737  6.311   2.789   1.00 21.60 ? 29  GLU A CG  1 
ATOM   220 C CD  . GLU A 1 29 ? -8.094  7.745   2.573   1.00 28.42 ? 29  GLU A CD  1 
ATOM   221 O OE1 . GLU A 1 29 ? -6.907  8.043   2.912   1.00 26.02 ? 29  GLU A OE1 1 
ATOM   222 O OE2 . GLU A 1 29 ? -8.823  8.641   2.080   1.00 35.33 ? 29  GLU A OE2 1 
ATOM   223 N N   . TYR A 1 30 ? -6.282  2.600   1.001   1.00 12.65 ? 30  TYR A N   1 
ATOM   224 C CA  . TYR A 1 30 ? -5.072  1.847   0.788   1.00 12.33 ? 30  TYR A CA  1 
ATOM   225 C C   . TYR A 1 30 ? -4.844  1.483   -0.678  1.00 12.99 ? 30  TYR A C   1 
ATOM   226 O O   . TYR A 1 30 ? -3.704  1.405   -1.138  1.00 12.87 ? 30  TYR A O   1 
ATOM   227 C CB  . TYR A 1 30 ? -5.098  0.542   1.561   1.00 13.39 ? 30  TYR A CB  1 
ATOM   228 C CG  . TYR A 1 30 ? -5.250  0.665   3.059   1.00 12.20 ? 30  TYR A CG  1 
ATOM   229 C CD1 . TYR A 1 30 ? -6.491  0.804   3.625   1.00 13.90 ? 30  TYR A CD1 1 
ATOM   230 C CD2 . TYR A 1 30 ? -4.135  0.614   3.906   1.00 13.11 ? 30  TYR A CD2 1 
ATOM   231 C CE1 . TYR A 1 30 ? -6.665  0.891   5.011   1.00 14.33 ? 30  TYR A CE1 1 
ATOM   232 C CE2 . TYR A 1 30 ? -4.287  0.691   5.268   1.00 12.85 ? 30  TYR A CE2 1 
ATOM   233 C CZ  . TYR A 1 30 ? -5.545  0.828   5.814   1.00 14.82 ? 30  TYR A CZ  1 
ATOM   234 O OH  . TYR A 1 30 ? -5.742  0.863   7.189   1.00 18.60 ? 30  TYR A OH  1 
ATOM   235 N N   . CYS A 1 31 ? -5.942  1.210   -1.387  1.00 13.20 ? 31  CYS A N   1 
ATOM   236 C CA  . CYS A 1 31 ? -5.868  0.507   -2.682  1.00 13.82 ? 31  CYS A CA  1 
ATOM   237 C C   . CYS A 1 31 ? -6.043  1.380   -3.915  1.00 14.35 ? 31  CYS A C   1 
ATOM   238 O O   . CYS A 1 31 ? -5.732  0.950   -5.047  1.00 16.18 ? 31  CYS A O   1 
ATOM   239 C CB  . CYS A 1 31 ? -6.957  -0.584  -2.716  1.00 13.64 ? 31  CYS A CB  1 
ATOM   240 S SG  . CYS A 1 31 ? -6.747  -1.872  -1.428  1.00 16.44 ? 31  CYS A SG  1 
ATOM   241 N N   . SER A 1 32 ? -6.607  2.571   -3.745  1.00 15.18 ? 32  SER A N   1 
ATOM   242 C CA  . SER A 1 32 ? -6.959  3.411   -4.900  1.00 16.52 ? 32  SER A CA  1 
ATOM   243 C C   . SER A 1 32 ? -5.768  4.200   -5.433  1.00 16.02 ? 32  SER A C   1 
ATOM   244 O O   . SER A 1 32 ? -5.054  4.815   -4.660  1.00 15.62 ? 32  SER A O   1 
ATOM   245 C CB  . SER A 1 32 ? -8.033  4.390   -4.515  1.00 19.24 ? 32  SER A CB  1 
ATOM   246 O OG  . SER A 1 32 ? -8.366  5.165   -5.649  1.00 22.67 ? 32  SER A OG  1 
ATOM   247 N N   . PRO A 1 33 ? -5.591  4.229   -6.757  1.00 19.32 ? 33  PRO A N   1 
ATOM   248 C CA  . PRO A 1 33 ? -4.629  5.189   -7.309  1.00 20.17 ? 33  PRO A CA  1 
ATOM   249 C C   . PRO A 1 33 ? -4.986  6.636   -6.952  1.00 19.95 ? 33  PRO A C   1 
ATOM   250 O O   . PRO A 1 33 ? -4.069  7.460   -6.860  1.00 22.16 ? 33  PRO A O   1 
ATOM   251 C CB  . PRO A 1 33 ? -4.722  4.947   -8.813  1.00 23.55 ? 33  PRO A CB  1 
ATOM   252 C CG  . PRO A 1 33 ? -5.174  3.513   -8.916  1.00 26.50 ? 33  PRO A CG  1 
ATOM   253 C CD  . PRO A 1 33 ? -6.182  3.356   -7.787  1.00 21.91 ? 33  PRO A CD  1 
ATOM   254 N N   . ASP A 1 34 ? -6.252  6.933   -6.687  1.00 18.76 ? 34  ASP A N   1 
ATOM   255 C CA  . ASP A 1 34 ? -6.656  8.267   -6.279  1.00 22.35 ? 34  ASP A CA  1 
ATOM   256 C C   . ASP A 1 34 ? -6.126  8.650   -4.915  1.00 20.84 ? 34  ASP A C   1 
ATOM   257 O O   . ASP A 1 34 ? -6.102  9.850   -4.577  1.00 23.57 ? 34  ASP A O   1 
ATOM   258 C CB  . ASP A 1 34 ? -8.184  8.372   -6.276  1.00 29.68 ? 34  ASP A CB  1 
ATOM   259 C CG  . ASP A 1 34 ? -8.791  8.187   -7.658  1.00 37.58 ? 34  ASP A CG  1 
ATOM   260 O OD1 . ASP A 1 34 ? -8.087  8.403   -8.673  1.00 40.74 ? 34  ASP A OD1 1 
ATOM   261 O OD2 . ASP A 1 34 ? -9.980  7.802   -7.724  1.00 45.10 ? 34  ASP A OD2 1 
ATOM   262 N N   . HIS A 1 35 ? -5.698  7.659   -4.138  1.00 16.66 ? 35  HIS A N   1 
ATOM   263 C CA  . HIS A 1 35 ? -5.041  7.903   -2.857  1.00 16.70 ? 35  HIS A CA  1 
ATOM   264 C C   . HIS A 1 35 ? -3.576  7.475   -2.922  1.00 15.48 ? 35  HIS A C   1 
ATOM   265 O O   . HIS A 1 35 ? -2.939  7.210   -1.905  1.00 14.92 ? 35  HIS A O   1 
ATOM   266 C CB  . HIS A 1 35 ? -5.779  7.152   -1.737  1.00 16.36 ? 35  HIS A CB  1 
ATOM   267 C CG  . HIS A 1 35 ? -7.103  7.743   -1.403  1.00 17.87 ? 35  HIS A CG  1 
ATOM   268 N ND1 . HIS A 1 35 ? -8.316  7.137   -1.659  1.00 21.78 ? 35  HIS A ND1 1 
ATOM   269 C CD2 . HIS A 1 35 ? -7.398  8.945   -0.867  1.00 19.93 ? 35  HIS A CD2 1 
ATOM   270 C CE1 . HIS A 1 35 ? -9.296  7.945   -1.286  1.00 19.42 ? 35  HIS A CE1 1 
ATOM   271 N NE2 . HIS A 1 35 ? -8.765  9.049   -0.806  1.00 25.20 ? 35  HIS A NE2 1 
ATOM   272 N N   . ASN A 1 36 ? -3.043  7.384   -4.142  1.00 15.90 ? 36  ASN A N   1 
ATOM   273 C CA  . ASN A 1 36 ? -1.610  7.113   -4.322  1.00 16.47 ? 36  ASN A CA  1 
ATOM   274 C C   . ASN A 1 36 ? -1.128  5.831   -3.664  1.00 15.61 ? 36  ASN A C   1 
ATOM   275 O O   . ASN A 1 36 ? -0.056  5.756   -3.065  1.00 16.07 ? 36  ASN A O   1 
ATOM   276 C CB  . ASN A 1 36 ? -0.793  8.319   -3.822  1.00 17.60 ? 36  ASN A CB  1 
ATOM   277 C CG  . ASN A 1 36 ? -1.282  9.599   -4.439  1.00 28.33 ? 36  ASN A CG  1 
ATOM   278 O OD1 . ASN A 1 36 ? -1.652  10.545  -3.738  1.00 36.17 ? 36  ASN A OD1 1 
ATOM   279 N ND2 . ASN A 1 36 ? -1.384  9.599   -5.732  1.00 25.80 ? 36  ASN A ND2 1 
ATOM   280 N N   . CYS A 1 37 ? -1.939  4.790   -3.806  1.00 14.55 ? 37  CYS A N   1 
ATOM   281 C CA  . CYS A 1 37 ? -1.540  3.459   -3.419  1.00 13.48 ? 37  CYS A CA  1 
ATOM   282 C C   . CYS A 1 37 ? -0.153  3.115   -3.992  1.00 13.80 ? 37  CYS A C   1 
ATOM   283 O O   . CYS A 1 37 ? 0.149   3.458   -5.149  1.00 16.66 ? 37  CYS A O   1 
ATOM   284 C CB  . CYS A 1 37 ? -2.633  2.475   -3.882  1.00 14.37 ? 37  CYS A CB  1 
ATOM   285 S SG  . CYS A 1 37 ? -2.122  0.710   -3.758  1.00 13.97 ? 37  CYS A SG  1 
ATOM   286 N N   . GLN A 1 38 ? 0.666   2.450   -3.188  1.00 15.28 ? 38  GLN A N   1 
ATOM   287 C CA  . GLN A 1 38 ? 2.050   2.142   -3.592  1.00 15.47 ? 38  GLN A CA  1 
ATOM   288 C C   . GLN A 1 38 ? 2.255   0.757   -4.183  1.00 16.57 ? 38  GLN A C   1 
ATOM   289 O O   . GLN A 1 38 ? 3.157   0.542   -4.988  1.00 19.12 ? 38  GLN A O   1 
ATOM   290 C CB  . GLN A 1 38 ? 3.002   2.281   -2.408  1.00 14.64 ? 38  GLN A CB  1 
ATOM   291 C CG  . GLN A 1 38 ? 3.011   3.651   -1.793  1.00 15.32 ? 38  GLN A CG  1 
ATOM   292 C CD  . GLN A 1 38 ? 4.143   3.796   -0.823  1.00 14.06 ? 38  GLN A CD  1 
ATOM   293 O OE1 . GLN A 1 38 ? 5.313   3.713   -1.232  1.00 16.11 ? 38  GLN A OE1 1 
ATOM   294 N NE2 . GLN A 1 38 ? 3.831   3.994   0.437   1.00 12.86 ? 38  GLN A NE2 1 
ATOM   295 N N   . SER A 1 39 ? 1.459   -0.218  -3.784  1.00 15.49 ? 39  SER A N   1 
ATOM   296 C CA  . SER A 1 39 ? 1.640   -1.562  -4.325  1.00 16.59 ? 39  SER A CA  1 
ATOM   297 C C   . SER A 1 39 ? 0.398   -2.406  -4.082  1.00 15.96 ? 39  SER A C   1 
ATOM   298 O O   . SER A 1 39 ? -0.391  -2.154  -3.166  1.00 15.45 ? 39  SER A O   1 
ATOM   299 C CB  . SER A 1 39 ? 2.884   -2.264  -3.722  1.00 19.50 ? 39  SER A CB  1 
ATOM   300 O OG  . SER A 1 39 ? 2.760   -2.444  -2.321  1.00 18.44 ? 39  SER A OG  1 
ATOM   301 N N   . ASN A 1 40 ? 0.220   -3.424  -4.914  1.00 17.98 ? 40  ASN A N   1 
ATOM   302 C CA  . ASN A 1 40 ? -0.940  -4.319  -4.882  1.00 18.62 ? 40  ASN A CA  1 
ATOM   303 C C   . ASN A 1 40 ? -2.243  -3.542  -4.993  1.00 18.36 ? 40  ASN A C   1 
ATOM   304 O O   . ASN A 1 40 ? -3.239  -3.858  -4.350  1.00 22.74 ? 40  ASN A O   1 
ATOM   305 C CB  . ASN A 1 40 ? -0.947  -5.161  -3.614  1.00 20.30 ? 40  ASN A CB  1 
ATOM   306 C CG  . ASN A 1 40 ? 0.012   -6.307  -3.681  1.00 26.25 ? 40  ASN A CG  1 
ATOM   307 O OD1 . ASN A 1 40 ? 0.411   -6.751  -4.766  1.00 29.11 ? 40  ASN A OD1 1 
ATOM   308 N ND2 . ASN A 1 40 ? 0.375   -6.826  -2.522  1.00 28.09 ? 40  ASN A ND2 1 
ATOM   309 N N   . CYS A 1 41 ? -2.228  -2.554  -5.870  1.00 17.38 ? 41  CYS A N   1 
ATOM   310 C CA  . CYS A 1 41 ? -3.321  -1.576  -5.953  1.00 18.23 ? 41  CYS A CA  1 
ATOM   311 C C   . CYS A 1 41 ? -4.473  -2.078  -6.799  1.00 21.51 ? 41  CYS A C   1 
ATOM   312 O O   . CYS A 1 41 ? -4.292  -2.952  -7.666  1.00 26.16 ? 41  CYS A O   1 
ATOM   313 C CB  . CYS A 1 41 ? -2.775  -0.274  -6.522  1.00 18.61 ? 41  CYS A CB  1 
ATOM   314 S SG  . CYS A 1 41 ? -1.377  0.334   -5.590  1.00 18.20 ? 41  CYS A SG  1 
ATOM   315 N N   . LYS A 1 42 ? -5.646  -1.511  -6.556  1.00 20.37 ? 42  LYS A N   1 
ATOM   316 C CA  . LYS A 1 42 ? -6.860  -1.839  -7.306  1.00 25.28 ? 42  LYS A CA  1 
ATOM   317 C C   . LYS A 1 42 ? -6.959  -0.947  -8.502  1.00 34.13 ? 42  LYS A C   1 
ATOM   318 O O   . LYS A 1 42 ? -7.476  0.156   -8.397  1.00 38.41 ? 42  LYS A O   1 
ATOM   319 C CB  . LYS A 1 42 ? -8.107  -1.656  -6.432  1.00 28.01 ? 42  LYS A CB  1 
ATOM   320 C CG  . LYS A 1 42 ? -9.421  -1.979  -7.120  1.00 33.36 ? 42  LYS A CG  1 
ATOM   321 C CD  . LYS A 1 42 ? -10.560 -2.100  -6.095  1.00 34.28 ? 42  LYS A CD  1 
ATOM   322 C CE  . LYS A 1 42 ? -11.863 -2.603  -6.721  1.00 40.32 ? 42  LYS A CE  1 
ATOM   323 N NZ  . LYS A 1 42 ? -12.791 -1.460  -6.891  1.00 43.89 ? 42  LYS A NZ  1 
ATOM   324 N N   . ASP A 1 43 ? -6.519  -1.431  -9.654  1.00 40.84 ? 43  ASP A N   1 
ATOM   325 C CA  . ASP A 1 43 ? -6.601  -0.636  -10.871 1.00 44.16 ? 43  ASP A CA  1 
ATOM   326 C C   . ASP A 1 43 ? -7.275  -1.409  -12.009 1.00 50.03 ? 43  ASP A C   1 
ATOM   327 O O   . ASP A 1 43 ? -8.423  -1.855  -11.893 1.00 50.96 ? 43  ASP A O   1 
ATOM   328 C CB  . ASP A 1 43 ? -5.201  -0.171  -11.289 1.00 44.82 ? 43  ASP A CB  1 
ATOM   329 O OXT . ASP A 1 43 ? -6.690  -1.593  -13.082 1.00 54.34 ? 43  ASP A OXT 1 
HETATM 330 C C   . TOU B 2 .  ? 1.026   -3.147  -8.221  1.00 26.51 ? 101 TOU A C   1 
HETATM 331 S S   . TOU B 2 .  ? 0.024   -1.948  -7.997  1.00 42.92 ? 101 TOU A S   1 
HETATM 332 N N1  . TOU B 2 .  ? 1.966   -3.493  -7.306  1.00 27.87 ? 101 TOU A N1  1 
HETATM 333 N N2  . TOU B 2 .  ? 0.912   -3.851  -9.333  1.00 38.84 ? 101 TOU A N2  1 
HETATM 334 O O   . HOH C 3 .  ? 4.252   7.189   -0.797  1.00 29.65 ? 201 HOH A O   1 
HETATM 335 O O   . HOH C 3 .  ? 2.318   6.798   -3.317  1.00 27.45 ? 202 HOH A O   1 
HETATM 336 O O   . HOH C 3 .  ? 3.942   6.984   7.277   1.00 19.14 ? 203 HOH A O   1 
HETATM 337 O O   . HOH C 3 .  ? 7.765   -3.172  8.844   1.00 28.72 ? 204 HOH A O   1 
HETATM 338 O O   . HOH C 3 .  ? -7.371  -1.202  7.925   1.00 36.92 ? 205 HOH A O   1 
HETATM 339 O O   . HOH C 3 .  ? -4.462  6.960   2.314   1.00 17.70 ? 206 HOH A O   1 
HETATM 340 O O   . HOH C 3 .  ? 1.070   10.643  -1.245  1.00 23.26 ? 207 HOH A O   1 
HETATM 341 O O   . HOH C 3 .  ? 9.483   -7.350  7.945   1.00 25.83 ? 208 HOH A O   1 
HETATM 342 O O   . HOH C 3 .  ? -10.073 3.186   3.468   1.00 22.10 ? 209 HOH A O   1 
HETATM 343 O O   . HOH C 3 .  ? 8.631   -2.685  -3.691  1.00 25.00 ? 210 HOH A O   1 
HETATM 344 O O   . HOH C 3 .  ? -9.957  -3.024  -2.293  1.00 25.36 ? 211 HOH A O   1 
HETATM 345 O O   . HOH C 3 .  ? -3.630  -0.683  8.266   1.00 26.66 ? 212 HOH A O   1 
HETATM 346 O O   . HOH C 3 .  ? -5.385  -10.193 6.264   1.00 35.74 ? 213 HOH A O   1 
HETATM 347 O O   . HOH C 3 .  ? 8.323   -7.695  1.440   1.00 26.81 ? 214 HOH A O   1 
HETATM 348 O O   . HOH C 3 .  ? 9.731   4.173   8.437   1.00 41.82 ? 215 HOH A O   1 
HETATM 349 O O   . HOH C 3 .  ? 5.564   -0.614  11.822  1.00 32.71 ? 216 HOH A O   1 
HETATM 350 O O   . HOH C 3 .  ? 6.564   2.415   -3.555  1.00 29.47 ? 217 HOH A O   1 
HETATM 351 O O   . HOH C 3 .  ? -4.945  9.889   4.120   1.00 19.39 ? 218 HOH A O   1 
HETATM 352 O O   . HOH C 3 .  ? -8.358  -2.213  5.391   1.00 29.21 ? 219 HOH A O   1 
HETATM 353 O O   . HOH C 3 .  ? 1.483   -13.418 2.888   1.00 41.57 ? 220 HOH A O   1 
HETATM 354 O O   . HOH C 3 .  ? -13.286 0.711   0.427   1.00 20.14 ? 221 HOH A O   1 
HETATM 355 O O   . HOH C 3 .  ? 3.672   5.303   -5.954  1.00 41.87 ? 222 HOH A O   1 
HETATM 356 O O   . HOH C 3 .  ? 3.527   -6.385  7.678   1.00 42.18 ? 223 HOH A O   1 
HETATM 357 O O   . HOH C 3 .  ? -8.400  11.483  -3.259  1.00 44.95 ? 224 HOH A O   1 
HETATM 358 O O   . HOH C 3 .  ? -10.722 -0.399  -2.457  1.00 31.01 ? 225 HOH A O   1 
HETATM 359 O O   . HOH C 3 .  ? -12.257 8.626   -1.410  1.00 47.24 ? 226 HOH A O   1 
HETATM 360 O O   . HOH C 3 .  ? -10.571 -2.918  6.391   1.00 36.54 ? 227 HOH A O   1 
HETATM 361 O O   . HOH C 3 .  ? 6.880   -0.400  -2.724  1.00 24.08 ? 228 HOH A O   1 
HETATM 362 O O   . HOH C 3 .  ? 2.514   9.431   -3.345  1.00 36.32 ? 229 HOH A O   1 
HETATM 363 O O   . HOH C 3 .  ? 1.090   13.194  -2.528  1.00 36.01 ? 230 HOH A O   1 
HETATM 364 O O   . HOH C 3 .  ? -14.147 3.002   1.909   1.00 31.78 ? 231 HOH A O   1 
HETATM 365 O O   . HOH C 3 .  ? -8.367  -4.091  -4.306  1.00 34.67 ? 232 HOH A O   1 
HETATM 366 O O   . HOH C 3 .  ? -3.743  -9.584  7.710   1.00 42.17 ? 233 HOH A O   1 
HETATM 367 O O   . HOH C 3 .  ? -13.587 -0.171  -2.546  1.00 39.89 ? 234 HOH A O   1 
HETATM 368 O O   . HOH C 3 .  ? 7.757   -3.583  -5.505  1.00 41.75 ? 235 HOH A O   1 
HETATM 369 O O   . HOH C 3 .  ? 7.433   -10.043 0.166   1.00 45.67 ? 236 HOH A O   1 
HETATM 370 O O   . HOH C 3 .  ? 10.653  -7.280  2.702   1.00 31.75 ? 237 HOH A O   1 
HETATM 371 O O   . HOH C 3 .  ? -1.720  -8.653  7.978   1.00 45.95 ? 238 HOH A O   1 
HETATM 372 O O   . HOH C 3 .  ? 3.895   -0.796  14.210  1.00 41.94 ? 239 HOH A O   1 
HETATM 373 O O   . HOH C 3 .  ? -3.003  4.972   -0.486  1.00 14.73 ? 240 HOH A O   1 
HETATM 374 O O   . HOH C 3 .  ? 5.186   -1.827  -1.233  1.00 19.83 ? 241 HOH A O   1 
HETATM 375 O O   . HOH C 3 .  ? 1.744   -4.508  -0.794  1.00 20.22 ? 242 HOH A O   1 
HETATM 376 O O   . HOH C 3 .  ? -1.462  4.200   -7.209  1.00 25.33 ? 243 HOH A O   1 
HETATM 377 O O   . HOH C 3 .  ? 1.268   -10.608 -0.121  1.00 30.51 ? 244 HOH A O   1 
HETATM 378 O O   . HOH C 3 .  ? 5.100   -5.777  5.323   1.00 33.45 ? 245 HOH A O   1 
HETATM 379 O O   . HOH C 3 .  ? 5.028   2.577   -5.699  1.00 32.56 ? 246 HOH A O   1 
HETATM 380 O O   . HOH C 3 .  ? -10.159 1.468   -4.438  1.00 37.00 ? 247 HOH A O   1 
HETATM 381 O O   . HOH C 3 .  ? -1.644  2.291   -9.370  1.00 38.36 ? 248 HOH A O   1 
HETATM 382 O O   . HOH C 3 .  ? -1.027  6.666   -7.932  1.00 41.95 ? 249 HOH A O   1 
HETATM 383 O O   . HOH C 3 .  ? -9.753  1.648   -6.933  1.00 39.75 ? 250 HOH A O   1 
HETATM 384 O O   . HOH C 3 .  ? -10.117 4.195   -7.817  1.00 44.07 ? 251 HOH A O   1 
HETATM 385 O O   . HOH C 3 .  ? -1.314  -6.442  7.857   1.00 40.93 ? 252 HOH A O   1 
HETATM 386 O O   . HOH C 3 .  ? -10.972 6.785   -4.321  1.00 42.65 ? 253 HOH A O   1 
# 
loop_
_atom_site_anisotrop.id 
_atom_site_anisotrop.type_symbol 
_atom_site_anisotrop.pdbx_label_atom_id 
_atom_site_anisotrop.pdbx_label_alt_id 
_atom_site_anisotrop.pdbx_label_comp_id 
_atom_site_anisotrop.pdbx_label_asym_id 
_atom_site_anisotrop.pdbx_label_seq_id 
_atom_site_anisotrop.pdbx_PDB_ins_code 
_atom_site_anisotrop.U[1][1] 
_atom_site_anisotrop.U[2][2] 
_atom_site_anisotrop.U[3][3] 
_atom_site_anisotrop.U[1][2] 
_atom_site_anisotrop.U[1][3] 
_atom_site_anisotrop.U[2][3] 
_atom_site_anisotrop.pdbx_auth_seq_id 
_atom_site_anisotrop.pdbx_auth_comp_id 
_atom_site_anisotrop.pdbx_auth_asym_id 
_atom_site_anisotrop.pdbx_auth_atom_id 
1   N N   . GLU A 1  ? 0.2770 0.3099 0.2873 -0.0134 -0.0215 0.0279  1   GLU A N   
2   C CA  . GLU A 1  ? 0.1972 0.2162 0.2123 -0.0122 -0.0139 0.0263  1   GLU A CA  
3   C C   . GLU A 1  ? 0.2145 0.2241 0.2387 -0.0074 -0.0161 0.0340  1   GLU A C   
4   O O   . GLU A 1  ? 0.2524 0.2657 0.2864 -0.0029 -0.0226 0.0383  1   GLU A O   
5   C CB  . GLU A 1  ? 0.2251 0.2424 0.2487 -0.0122 -0.0088 0.0164  1   GLU A CB  
6   C CG  . GLU A 1  ? 0.2339 0.2518 0.2514 -0.0164 -0.0043 0.0086  1   GLU A CG  
7   C CD  . GLU A 1  ? 0.3800 0.4099 0.3963 -0.0201 -0.0072 0.0019  1   GLU A CD  
8   O OE1 . GLU A 1  ? 0.4024 0.4429 0.4108 -0.0212 -0.0134 0.0052  1   GLU A OE1 
9   O OE2 . GLU A 1  ? 0.3965 0.4246 0.4191 -0.0226 -0.0037 -0.0065 1   GLU A OE2 
10  N N   . GLN A 2  ? 0.1946 0.1927 0.2183 -0.0080 -0.0111 0.0345  2   GLN A N   
11  C CA  . GLN A 2  ? 0.2044 0.1909 0.2378 -0.0048 -0.0122 0.0395  2   GLN A CA  
12  C C   . GLN A 2  ? 0.1768 0.1582 0.2223 -0.0010 -0.0083 0.0304  2   GLN A C   
13  O O   . GLN A 2  ? 0.2105 0.1845 0.2696 0.0035  -0.0096 0.0311  2   GLN A O   
14  C CB  . GLN A 2  ? 0.2510 0.2289 0.2784 -0.0095 -0.0086 0.0429  2   GLN A CB  
15  C CG  . GLN A 2  ? 0.3200 0.3005 0.3363 -0.0144 -0.0101 0.0539  2   GLN A CG  
16  C CD  . GLN A 2  ? 0.3608 0.3348 0.3766 -0.0202 -0.0045 0.0544  2   GLN A CD  
17  O OE1 . GLN A 2  ? 0.2978 0.2782 0.3102 -0.0231 0.0003  0.0462  2   GLN A OE1 
18  N NE2 . GLN A 2  ? 0.4288 0.3899 0.4513 -0.0216 -0.0053 0.0635  2   GLN A NE2 
19  N N   . CYS A 3  ? 0.1763 0.1610 0.2174 -0.0030 -0.0032 0.0218  3   CYS A N   
20  C CA  . CYS A 3  ? 0.1679 0.1481 0.2140 -0.0015 0.0020  0.0137  3   CYS A CA  
21  C C   . CYS A 3  ? 0.1693 0.1551 0.2102 -0.0036 0.0068  0.0080  3   CYS A C   
22  O O   . CYS A 3  ? 0.1719 0.1623 0.2073 -0.0063 0.0062  0.0094  3   CYS A O   
23  C CB  . CYS A 3  ? 0.1564 0.1274 0.1975 -0.0041 0.0034  0.0121  3   CYS A CB  
24  S SG  . CYS A 3  ? 0.1718 0.1460 0.1988 -0.0091 0.0037  0.0132  3   CYS A SG  
25  N N   . GLY A 4  ? 0.1489 0.1336 0.1914 -0.0031 0.0122  0.0012  4   GLY A N   
26  C CA  . GLY A 4  ? 0.1565 0.1438 0.1897 -0.0067 0.0175  -0.0011 4   GLY A CA  
27  C C   . GLY A 4  ? 0.1443 0.1405 0.1860 -0.0080 0.0206  -0.0022 4   GLY A C   
28  O O   . GLY A 4  ? 0.1498 0.1533 0.2074 -0.0049 0.0187  -0.0034 4   GLY A O   
29  N N   . ARG A 5  ? 0.1463 0.1421 0.1803 -0.0128 0.0251  -0.0012 5   ARG A N   
30  C CA  A ARG A 5  ? 0.1621 0.1660 0.2061 -0.0164 0.0298  -0.0029 5   ARG A CA  
31  C CA  B ARG A 5  ? 0.1627 0.1674 0.2080 -0.0158 0.0300  -0.0036 5   ARG A CA  
32  C C   . ARG A 5  ? 0.1520 0.1636 0.2087 -0.0155 0.0231  -0.0030 5   ARG A C   
33  O O   . ARG A 5  ? 0.1747 0.1983 0.2480 -0.0161 0.0238  -0.0068 5   ARG A O   
34  C CB  A ARG A 5  ? 0.1849 0.1815 0.2176 -0.0223 0.0341  0.0013  5   ARG A CB  
35  C CB  B ARG A 5  ? 0.1925 0.1927 0.2278 -0.0225 0.0370  -0.0008 5   ARG A CB  
36  C CG  A ARG A 5  ? 0.1796 0.1727 0.1978 -0.0247 0.0411  0.0025  5   ARG A CG  
37  C CG  B ARG A 5  ? 0.1672 0.1559 0.1904 -0.0233 0.0326  0.0055  5   ARG A CG  
38  C CD  A ARG A 5  ? 0.2268 0.2104 0.2333 -0.0302 0.0439  0.0108  5   ARG A CD  
39  C CD  B ARG A 5  ? 0.1995 0.1800 0.2125 -0.0290 0.0387  0.0115  5   ARG A CD  
40  N NE  A ARG A 5  ? 0.2717 0.2537 0.2595 -0.0334 0.0499  0.0141  5   ARG A NE  
41  N NE  B ARG A 5  ? 0.2184 0.1987 0.2157 -0.0305 0.0440  0.0133  5   ARG A NE  
42  C CZ  A ARG A 5  ? 0.2679 0.2442 0.2377 -0.0310 0.0446  0.0177  5   ARG A CZ  
43  C CZ  B ARG A 5  ? 0.2411 0.2147 0.2207 -0.0286 0.0397  0.0180  5   ARG A CZ  
44  N NH1 A ARG A 5  ? 0.2762 0.2482 0.2479 -0.0255 0.0344  0.0183  5   ARG A NH1 
45  N NH1 B ARG A 5  ? 0.2463 0.2137 0.2261 -0.0242 0.0305  0.0209  5   ARG A NH1 
46  N NH2 A ARG A 5  ? 0.3257 0.3032 0.2751 -0.0349 0.0497  0.0201  5   ARG A NH2 
47  N NH2 B ARG A 5  ? 0.3008 0.2771 0.2637 -0.0309 0.0443  0.0180  5   ARG A NH2 
48  N N   . GLN A 6  ? 0.1579 0.1648 0.2066 -0.0146 0.0164  0.0003  6   GLN A N   
49  C CA  . GLN A 6  ? 0.1664 0.1819 0.2207 -0.0150 0.0096  -0.0002 6   GLN A CA  
50  C C   . GLN A 6  ? 0.1773 0.2020 0.2429 -0.0100 0.0032  0.0013  6   GLN A C   
51  O O   . GLN A 6  ? 0.2085 0.2453 0.2816 -0.0104 -0.0033 0.0005  6   GLN A O   
52  C CB  . GLN A 6  ? 0.1797 0.1899 0.2213 -0.0156 0.0061  0.0019  6   GLN A CB  
53  C CG  . GLN A 6  ? 0.1899 0.1919 0.2266 -0.0191 0.0105  -0.0001 6   GLN A CG  
54  C CD  . GLN A 6  ? 0.1901 0.1810 0.2179 -0.0173 0.0132  0.0038  6   GLN A CD  
55  O OE1 . GLN A 6  ? 0.1726 0.1621 0.1975 -0.0149 0.0137  0.0058  6   GLN A OE1 
56  N NE2 . GLN A 6  ? 0.1920 0.1753 0.2169 -0.0182 0.0144  0.0042  6   GLN A NE2 
57  N N   . ALA A 7  ? 0.1449 0.1641 0.2126 -0.0052 0.0042  0.0032  7   ALA A N   
58  C CA  . ALA A 7  ? 0.1535 0.1770 0.2351 0.0014  -0.0022 0.0061  7   ALA A CA  
59  C C   . ALA A 7  ? 0.1447 0.1713 0.2446 0.0055  0.0038  -0.0005 7   ALA A C   
60  O O   . ALA A 7  ? 0.1524 0.1756 0.2647 0.0123  0.0011  0.0004  7   ALA A O   
61  C CB  . ALA A 7  ? 0.1842 0.1959 0.2562 0.0036  -0.0065 0.0140  7   ALA A CB  
62  N N   . GLY A 8  ? 0.1307 0.1637 0.2340 0.0011  0.0128  -0.0076 8   GLY A N   
63  C CA  . GLY A 8  ? 0.1247 0.1652 0.2457 0.0037  0.0210  -0.0160 8   GLY A CA  
64  C C   . GLY A 8  ? 0.1314 0.1610 0.2489 0.0074  0.0262  -0.0204 8   GLY A C   
65  O O   . GLY A 8  ? 0.1367 0.1715 0.2739 0.0128  0.0302  -0.0283 8   GLY A O   
66  N N   . GLY A 9  ? 0.1355 0.1515 0.2292 0.0039  0.0264  -0.0171 9   GLY A N   
67  C CA  . GLY A 9  ? 0.1549 0.1618 0.2415 0.0046  0.0311  -0.0232 9   GLY A CA  
68  C C   . GLY A 9  ? 0.1531 0.1478 0.2448 0.0095  0.0242  -0.0210 9   GLY A C   
69  O O   . GLY A 9  ? 0.1791 0.1662 0.2683 0.0097  0.0278  -0.0287 9   GLY A O   
70  N N   . LYS A 10 ? 0.1707 0.1635 0.2694 0.0128  0.0143  -0.0108 10  LYS A N   
71  C CA  . LYS A 10 ? 0.1818 0.1604 0.2852 0.0161  0.0084  -0.0055 10  LYS A CA  
72  C C   . LYS A 10 ? 0.1820 0.1500 0.2676 0.0101  0.0108  -0.0078 10  LYS A C   
73  O O   . LYS A 10 ? 0.1855 0.1565 0.2524 0.0046  0.0117  -0.0060 10  LYS A O   
74  C CB  . LYS A 10 ? 0.2186 0.1973 0.3205 0.0168  -0.0019 0.0092  10  LYS A CB  
75  C CG  . LYS A 10 ? 0.2369 0.2257 0.3581 0.0237  -0.0091 0.0140  10  LYS A CG  
76  C CD  . LYS A 10 ? 0.2917 0.2759 0.4061 0.0242  -0.0204 0.0309  10  LYS A CD  
77  C CE  . LYS A 10 ? 0.3318 0.3332 0.4492 0.0260  -0.0295 0.0369  10  LYS A CE  
78  N NZ  . LYS A 10 ? 0.3137 0.3131 0.4216 0.0265  -0.0413 0.0544  10  LYS A NZ  
79  N N   . LEU A 11 ? 0.2314 0.1873 0.3263 0.0119  0.0112  -0.0127 11  LEU A N   
80  C CA  . LEU A 11 ? 0.2222 0.1694 0.3054 0.0059  0.0113  -0.0149 11  LEU A CA  
81  C C   . LEU A 11 ? 0.2175 0.1561 0.3009 0.0038  0.0050  -0.0011 11  LEU A C   
82  O O   . LEU A 11 ? 0.2510 0.1849 0.3461 0.0079  0.0001  0.0093  11  LEU A O   
83  C CB  . LEU A 11 ? 0.2418 0.1805 0.3358 0.0068  0.0157  -0.0299 11  LEU A CB  
84  C CG  . LEU A 11 ? 0.3086 0.2576 0.3961 0.0063  0.0244  -0.0459 11  LEU A CG  
85  C CD1 . LEU A 11 ? 0.3269 0.2677 0.4257 0.0069  0.0291  -0.0641 11  LEU A CD1 
86  C CD2 . LEU A 11 ? 0.3558 0.3122 0.4158 -0.0008 0.0243  -0.0441 11  LEU A CD2 
87  N N   . CYS A 12 ? 0.2069 0.1446 0.2779 -0.0030 0.0048  -0.0008 12  CYS A N   
88  C CA  . CYS A 12 ? 0.2025 0.1338 0.2738 -0.0072 0.0015  0.0109  12  CYS A CA  
89  C C   . CYS A 12 ? 0.2052 0.1190 0.2937 -0.0079 0.0010  0.0109  12  CYS A C   
90  O O   . CYS A 12 ? 0.2369 0.1443 0.3345 -0.0073 0.0036  -0.0030 12  CYS A O   
91  C CB  . CYS A 12 ? 0.2209 0.1588 0.2798 -0.0142 0.0023  0.0088  12  CYS A CB  
92  S SG  . CYS A 12 ? 0.2026 0.1562 0.2456 -0.0136 0.0025  0.0112  12  CYS A SG  
93  N N   . PRO A 13 ? 0.2285 0.1341 0.3206 -0.0102 -0.0019 0.0261  13  PRO A N   
94  C CA  . PRO A 13 ? 0.2499 0.1358 0.3585 -0.0135 -0.0017 0.0282  13  PRO A CA  
95  C C   . PRO A 13 ? 0.2258 0.1117 0.3328 -0.0238 0.0015  0.0193  13  PRO A C   
96  O O   . PRO A 13 ? 0.2348 0.1370 0.3273 -0.0275 0.0025  0.0163  13  PRO A O   
97  C CB  . PRO A 13 ? 0.2976 0.1769 0.4045 -0.0147 -0.0056 0.0512  13  PRO A CB  
98  C CG  . PRO A 13 ? 0.2897 0.1887 0.3745 -0.0167 -0.0059 0.0571  13  PRO A CG  
99  C CD  . PRO A 13 ? 0.2715 0.1852 0.3508 -0.0113 -0.0048 0.0422  13  PRO A CD  
100 N N   . ASN A 14 ? 0.2566 0.1248 0.3820 -0.0276 0.0025  0.0144  14  ASN A N   
101 C CA  . ASN A 14 ? 0.2792 0.1467 0.4090 -0.0389 0.0046  0.0071  14  ASN A CA  
102 C C   . ASN A 14 ? 0.2527 0.1391 0.3709 -0.0410 0.0045  -0.0101 14  ASN A C   
103 O O   . ASN A 14 ? 0.2468 0.1439 0.3627 -0.0491 0.0043  -0.0114 14  ASN A O   
104 C CB  . ASN A 14 ? 0.3129 0.1824 0.4381 -0.0474 0.0061  0.0254  14  ASN A CB  
105 C CG  . ASN A 14 ? 0.3378 0.2025 0.4735 -0.0589 0.0089  0.0212  14  ASN A CG  
106 O OD1 . ASN A 14 ? 0.3699 0.2238 0.5182 -0.0597 0.0085  0.0086  14  ASN A OD1 
107 N ND2 . ASN A 14 ? 0.3297 0.2046 0.4602 -0.0679 0.0122  0.0311  14  ASN A ND2 
108 N N   . ASN A 15 ? 0.2429 0.1341 0.3554 -0.0340 0.0043  -0.0229 15  ASN A N   
109 C CA  . ASN A 15 ? 0.2405 0.1476 0.3396 -0.0357 0.0033  -0.0384 15  ASN A CA  
110 C C   . ASN A 15 ? 0.2192 0.1449 0.3007 -0.0359 0.0011  -0.0299 15  ASN A C   
111 O O   . ASN A 15 ? 0.2323 0.1710 0.3046 -0.0384 -0.0020 -0.0382 15  ASN A O   
112 C CB  . ASN A 15 ? 0.2387 0.1429 0.3486 -0.0450 0.0017  -0.0538 15  ASN A CB  
113 C CG  . ASN A 15 ? 0.2609 0.1433 0.3929 -0.0457 0.0044  -0.0630 15  ASN A CG  
114 O OD1 . ASN A 15 ? 0.3150 0.1913 0.4499 -0.0380 0.0072  -0.0712 15  ASN A OD1 
115 N ND2 . ASN A 15 ? 0.3376 0.2108 0.4842 -0.0536 0.0042  -0.0606 15  ASN A ND2 
116 N N   . LEU A 16 ? 0.1854 0.1125 0.2631 -0.0333 0.0019  -0.0140 16  LEU A N   
117 C CA  . LEU A 16 ? 0.1794 0.1226 0.2449 -0.0337 0.0009  -0.0081 16  LEU A CA  
118 C C   . LEU A 16 ? 0.1910 0.1436 0.2415 -0.0279 -0.0002 -0.0121 16  LEU A C   
119 O O   . LEU A 16 ? 0.2165 0.1653 0.2640 -0.0231 0.0016  -0.0158 16  LEU A O   
120 C CB  . LEU A 16 ? 0.1969 0.1397 0.2610 -0.0338 0.0030  0.0075  16  LEU A CB  
121 C CG  . LEU A 16 ? 0.2186 0.1554 0.2937 -0.0424 0.0053  0.0149  16  LEU A CG  
122 C CD1 . LEU A 16 ? 0.2715 0.2068 0.3396 -0.0415 0.0069  0.0313  16  LEU A CD1 
123 C CD2 . LEU A 16 ? 0.2251 0.1765 0.3039 -0.0494 0.0063  0.0102  16  LEU A CD2 
124 N N   . CYS A 17 ? 0.1753 0.1402 0.2185 -0.0283 -0.0025 -0.0112 17  CYS A N   
125 C CA  . CYS A 17 ? 0.1714 0.1428 0.2006 -0.0236 -0.0038 -0.0117 17  CYS A CA  
126 C C   . CYS A 17 ? 0.1742 0.1455 0.2000 -0.0197 -0.0008 -0.0030 17  CYS A C   
127 O O   . CYS A 17 ? 0.1662 0.1393 0.1959 -0.0207 0.0003  0.0035  17  CYS A O   
128 C CB  . CYS A 17 ? 0.1819 0.1648 0.2085 -0.0240 -0.0089 -0.0121 17  CYS A CB  
129 S SG  . CYS A 17 ? 0.1840 0.1736 0.2171 -0.0296 -0.0154 -0.0228 17  CYS A SG  
130 N N   . CYS A 18 ? 0.1624 0.1333 0.1800 -0.0161 0.0010  -0.0038 18  CYS A N   
131 C CA  . CYS A 18 ? 0.1661 0.1386 0.1818 -0.0136 0.0031  0.0022  18  CYS A CA  
132 C C   . CYS A 18 ? 0.1612 0.1383 0.1700 -0.0127 0.0018  0.0043  18  CYS A C   
133 O O   . CYS A 18 ? 0.1688 0.1457 0.1687 -0.0123 0.0013  0.0030  18  CYS A O   
134 C CB  . CYS A 18 ? 0.1614 0.1322 0.1776 -0.0110 0.0066  -0.0002 18  CYS A CB  
135 S SG  . CYS A 18 ? 0.1743 0.1496 0.1926 -0.0094 0.0077  0.0055  18  CYS A SG  
136 N N   . SER A 19 ? 0.1488 0.1296 0.1613 -0.0127 0.0016  0.0076  19  SER A N   
137 C CA  . SER A 19 ? 0.1442 0.1270 0.1554 -0.0108 0.0002  0.0086  19  SER A CA  
138 C C   . SER A 19 ? 0.1638 0.1424 0.1701 -0.0098 0.0028  0.0104  19  SER A C   
139 O O   . SER A 19 ? 0.1620 0.1400 0.1683 -0.0106 0.0058  0.0100  19  SER A O   
140 C CB  . SER A 19 ? 0.1378 0.1265 0.1566 -0.0109 0.0013  0.0082  19  SER A CB  
141 O OG  . SER A 19 ? 0.1555 0.1447 0.1730 -0.0117 0.0046  0.0085  19  SER A OG  
142 N N   . GLN A 20 ? 0.1527 0.1287 0.1587 -0.0079 0.0014  0.0129  20  GLN A N   
143 C CA  . GLN A 20 ? 0.1589 0.1290 0.1628 -0.0087 0.0046  0.0154  20  GLN A CA  
144 C C   . GLN A 20 ? 0.1731 0.1458 0.1843 -0.0104 0.0079  0.0116  20  GLN A C   
145 O O   . GLN A 20 ? 0.1808 0.1508 0.1930 -0.0127 0.0111  0.0119  20  GLN A O   
146 C CB  . GLN A 20 ? 0.1838 0.1473 0.1894 -0.0060 0.0017  0.0202  20  GLN A CB  
147 C CG  . GLN A 20 ? 0.1916 0.1578 0.2112 -0.0027 0.0001  0.0162  20  GLN A CG  
148 C CD  . GLN A 20 ? 0.1916 0.1512 0.2177 0.0026  -0.0048 0.0212  20  GLN A CD  
149 O OE1 . GLN A 20 ? 0.2259 0.1742 0.2460 0.0023  -0.0054 0.0293  20  GLN A OE1 
150 N NE2 . GLN A 20 ? 0.2094 0.1760 0.2496 0.0071  -0.0078 0.0170  20  GLN A NE2 
151 N N   . TRP A 21 ? 0.1590 0.1382 0.1743 -0.0103 0.0072  0.0084  21  TRP A N   
152 C CA  . TRP A 21 ? 0.1574 0.1421 0.1757 -0.0124 0.0086  0.0045  21  TRP A CA  
153 C C   . TRP A 21 ? 0.1828 0.1724 0.1990 -0.0136 0.0077  0.0062  21  TRP A C   
154 O O   . TRP A 21 ? 0.1881 0.1842 0.2052 -0.0152 0.0068  0.0042  21  TRP A O   
155 C CB  . TRP A 21 ? 0.1483 0.1395 0.1692 -0.0123 0.0093  0.0003  21  TRP A CB  
156 C CG  . TRP A 21 ? 0.1533 0.1403 0.1823 -0.0095 0.0100  -0.0031 21  TRP A CG  
157 C CD1 . TRP A 21 ? 0.1758 0.1636 0.2110 -0.0059 0.0083  -0.0024 21  TRP A CD1 
158 C CD2 . TRP A 21 ? 0.1628 0.1437 0.1989 -0.0093 0.0117  -0.0078 21  TRP A CD2 
159 N NE1 . TRP A 21 ? 0.1813 0.1636 0.2274 -0.0021 0.0082  -0.0053 21  TRP A NE1 
160 C CE2 . TRP A 21 ? 0.1721 0.1482 0.2189 -0.0044 0.0109  -0.0089 21  TRP A CE2 
161 C CE3 . TRP A 21 ? 0.1897 0.1690 0.2268 -0.0132 0.0135  -0.0122 21  TRP A CE3 
162 C CZ2 . TRP A 21 ? 0.2274 0.1936 0.2862 -0.0025 0.0122  -0.0131 21  TRP A CZ2 
163 C CZ3 . TRP A 21 ? 0.1838 0.1544 0.2323 -0.0132 0.0154  -0.0179 21  TRP A CZ3 
164 C CH2 . TRP A 21 ? 0.2066 0.1689 0.2659 -0.0075 0.0151  -0.0182 21  TRP A CH2 
165 N N   . GLY A 22 ? 0.1453 0.1321 0.1600 -0.0123 0.0070  0.0092  22  GLY A N   
166 C CA  . GLY A 22 ? 0.1769 0.1660 0.1945 -0.0117 0.0054  0.0113  22  GLY A CA  
167 C C   . GLY A 22 ? 0.1600 0.1505 0.1761 -0.0125 0.0031  0.0155  22  GLY A C   
168 O O   . GLY A 22 ? 0.1660 0.1591 0.1840 -0.0118 0.0001  0.0199  22  GLY A O   
169 N N   . TRP A 23 ? 0.1485 0.1380 0.1626 -0.0141 0.0042  0.0155  23  TRP A N   
170 C CA  . TRP A 23 ? 0.1552 0.1454 0.1689 -0.0169 0.0040  0.0206  23  TRP A CA  
171 C C   . TRP A 23 ? 0.1529 0.1369 0.1717 -0.0180 0.0043  0.0199  23  TRP A C   
172 O O   . TRP A 23 ? 0.1633 0.1465 0.1833 -0.0167 0.0040  0.0145  23  TRP A O   
173 C CB  . TRP A 23 ? 0.1895 0.1890 0.1989 -0.0203 0.0070  0.0194  23  TRP A CB  
174 C CG  . TRP A 23 ? 0.1756 0.1825 0.1789 -0.0205 0.0064  0.0171  23  TRP A CG  
175 C CD1 . TRP A 23 ? 0.2021 0.2117 0.2073 -0.0195 0.0078  0.0088  23  TRP A CD1 
176 C CD2 . TRP A 23 ? 0.2031 0.2154 0.1988 -0.0222 0.0030  0.0229  23  TRP A CD2 
177 N NE1 . TRP A 23 ? 0.2115 0.2287 0.2109 -0.0214 0.0062  0.0067  23  TRP A NE1 
178 C CE2 . TRP A 23 ? 0.2201 0.2408 0.2124 -0.0228 0.0025  0.0154  23  TRP A CE2 
179 C CE3 . TRP A 23 ? 0.2488 0.2588 0.2408 -0.0230 -0.0006 0.0343  23  TRP A CE3 
180 C CZ2 . TRP A 23 ? 0.2411 0.2716 0.2248 -0.0247 -0.0026 0.0178  23  TRP A CZ2 
181 C CZ3 . TRP A 23 ? 0.2922 0.3106 0.2747 -0.0239 -0.0060 0.0397  23  TRP A CZ3 
182 C CH2 . TRP A 23 ? 0.2962 0.3265 0.2739 -0.0249 -0.0074 0.0308  23  TRP A CH2 
183 N N   . CYS A 24 ? 0.1688 0.1488 0.1907 -0.0210 0.0043  0.0256  24  CYS A N   
184 C CA  . CYS A 24 ? 0.1819 0.1550 0.2117 -0.0234 0.0043  0.0232  24  CYS A CA  
185 C C   . CYS A 24 ? 0.1907 0.1699 0.2246 -0.0293 0.0068  0.0226  24  CYS A C   
186 O O   . CYS A 24 ? 0.2192 0.2040 0.2505 -0.0337 0.0102  0.0285  24  CYS A O   
187 C CB  . CYS A 24 ? 0.2010 0.1619 0.2372 -0.0235 0.0030  0.0295  24  CYS A CB  
188 S SG  . CYS A 24 ? 0.2169 0.1737 0.2566 -0.0152 0.0003  0.0279  24  CYS A SG  
189 N N   . GLY A 25 ? 0.1447 0.1249 0.1854 -0.0305 0.0052  0.0149  25  GLY A N   
190 C CA  . GLY A 25 ? 0.1586 0.1479 0.2085 -0.0362 0.0071  0.0128  25  GLY A CA  
191 C C   . GLY A 25 ? 0.1450 0.1360 0.2035 -0.0376 0.0025  0.0038  25  GLY A C   
192 O O   . GLY A 25 ? 0.1628 0.1464 0.2172 -0.0348 -0.0012 -0.0013 25  GLY A O   
193 N N   . SER A 26 ? 0.1502 0.1533 0.2216 -0.0427 0.0029  0.0002  26  SER A N   
194 C CA  . SER A 26 ? 0.1452 0.1522 0.2275 -0.0462 -0.0026 -0.0090 26  SER A CA  
195 C C   . SER A 26 ? 0.1420 0.1684 0.2337 -0.0440 -0.0079 -0.0147 26  SER A C   
196 O O   . SER A 26 ? 0.1690 0.2036 0.2721 -0.0478 -0.0140 -0.0227 26  SER A O   
197 C CB  . SER A 26 ? 0.1895 0.1917 0.2871 -0.0572 0.0018  -0.0086 26  SER A CB  
198 O OG  . SER A 26 ? 0.2112 0.2242 0.3168 -0.0627 0.0094  -0.0027 26  SER A OG  
199 N N   . THR A 27 ? 0.1547 0.1883 0.2438 -0.0377 -0.0064 -0.0114 27  THR A N   
200 C CA  . THR A 27 ? 0.1503 0.2011 0.2526 -0.0332 -0.0119 -0.0157 27  THR A CA  
201 C C   . THR A 27 ? 0.1502 0.1959 0.2388 -0.0231 -0.0194 -0.0133 27  THR A C   
202 O O   . THR A 27 ? 0.1680 0.1996 0.2382 -0.0211 -0.0185 -0.0095 27  THR A O   
203 C CB  . THR A 27 ? 0.1644 0.2286 0.2808 -0.0342 -0.0030 -0.0159 27  THR A CB  
204 O OG1 . THR A 27 ? 0.2131 0.2674 0.3136 -0.0323 0.0042  -0.0103 27  THR A OG1 
205 C CG2 . THR A 27 ? 0.2067 0.2788 0.3380 -0.0460 0.0042  -0.0175 27  THR A CG2 
206 N N   . ASP A 28 ? 0.1476 0.2064 0.2488 -0.0172 -0.0268 -0.0151 28  ASP A N   
207 C CA  . ASP A 28 ? 0.1796 0.2337 0.2693 -0.0088 -0.0364 -0.0105 28  ASP A CA  
208 C C   . ASP A 28 ? 0.1683 0.2068 0.2428 -0.0042 -0.0308 -0.0040 28  ASP A C   
209 O O   . ASP A 28 ? 0.1715 0.1994 0.2277 -0.0018 -0.0347 0.0012  28  ASP A O   
210 C CB  . ASP A 28 ? 0.1949 0.2653 0.3061 -0.0019 -0.0455 -0.0118 28  ASP A CB  
211 C CG  . ASP A 28 ? 0.2951 0.3612 0.3948 0.0064  -0.0584 -0.0041 28  ASP A CG  
212 O OD1 . ASP A 28 ? 0.3592 0.4271 0.4448 0.0040  -0.0679 -0.0041 28  ASP A OD1 
213 O OD2 . ASP A 28 ? 0.3426 0.4034 0.4480 0.0150  -0.0589 0.0015  28  ASP A OD2 
214 N N   . GLU A 29 ? 0.1482 0.1862 0.2293 -0.0041 -0.0212 -0.0048 29  GLU A N   
215 C CA  . GLU A 29 ? 0.1587 0.1837 0.2282 -0.0009 -0.0168 -0.0008 29  GLU A CA  
216 C C   . GLU A 29 ? 0.1537 0.1664 0.2033 -0.0052 -0.0135 0.0023  29  GLU A C   
217 O O   . GLU A 29 ? 0.1866 0.1892 0.2262 -0.0033 -0.0115 0.0057  29  GLU A O   
218 C CB  . GLU A 29 ? 0.1836 0.2132 0.2629 -0.0010 -0.0074 -0.0053 29  GLU A CB  
219 C CG  . GLU A 29 ? 0.2274 0.2651 0.3281 0.0064  -0.0089 -0.0097 29  GLU A CG  
220 C CD  . GLU A 29 ? 0.3190 0.3423 0.4184 0.0137  -0.0109 -0.0066 29  GLU A CD  
221 O OE1 . GLU A 29 ? 0.2973 0.3085 0.3828 0.0114  -0.0062 -0.0052 29  GLU A OE1 
222 O OE2 . GLU A 29 ? 0.4008 0.4249 0.5168 0.0222  -0.0176 -0.0057 29  GLU A OE2 
223 N N   . TYR A 30 ? 0.1401 0.1533 0.1873 -0.0112 -0.0121 0.0004  30  TYR A N   
224 C CA  . TYR A 30 ? 0.1440 0.1465 0.1780 -0.0137 -0.0095 0.0018  30  TYR A CA  
225 C C   . TYR A 30 ? 0.1568 0.1561 0.1806 -0.0138 -0.0150 -0.0001 30  TYR A C   
226 O O   . TYR A 30 ? 0.1618 0.1535 0.1737 -0.0135 -0.0125 0.0007  30  TYR A O   
227 C CB  . TYR A 30 ? 0.1561 0.1577 0.1951 -0.0197 -0.0051 0.0012  30  TYR A CB  
228 C CG  . TYR A 30 ? 0.1381 0.1441 0.1813 -0.0219 0.0012  0.0040  30  TYR A CG  
229 C CD1 . TYR A 30 ? 0.1513 0.1697 0.2069 -0.0244 0.0036  0.0015  30  TYR A CD1 
230 C CD2 . TYR A 30 ? 0.1545 0.1548 0.1890 -0.0220 0.0049  0.0084  30  TYR A CD2 
231 C CE1 . TYR A 30 ? 0.1544 0.1793 0.2107 -0.0279 0.0113  0.0030  30  TYR A CE1 
232 C CE2 . TYR A 30 ? 0.1494 0.1558 0.1829 -0.0251 0.0099  0.0109  30  TYR A CE2 
233 C CZ  . TYR A 30 ? 0.1673 0.1856 0.2100 -0.0284 0.0140  0.0080  30  TYR A CZ  
234 O OH  . TYR A 30 ? 0.2137 0.2405 0.2524 -0.0331 0.0210  0.0096  30  TYR A OH  
235 N N   . CYS A 31 ? 0.1547 0.1627 0.1839 -0.0148 -0.0220 -0.0040 31  CYS A N   
236 C CA  . CYS A 31 ? 0.1661 0.1741 0.1851 -0.0174 -0.0271 -0.0094 31  CYS A CA  
237 C C   . CYS A 31 ? 0.1761 0.1882 0.1812 -0.0138 -0.0358 -0.0063 31  CYS A C   
238 O O   . CYS A 31 ? 0.2045 0.2168 0.1934 -0.0162 -0.0386 -0.0106 31  CYS A O   
239 C CB  . CYS A 31 ? 0.1560 0.1723 0.1899 -0.0233 -0.0304 -0.0178 31  CYS A CB  
240 S SG  . CYS A 31 ? 0.1897 0.1976 0.2374 -0.0299 -0.0204 -0.0187 31  CYS A SG  
241 N N   . SER A 32 ? 0.1833 0.1991 0.1944 -0.0079 -0.0405 0.0010  32  SER A N   
242 C CA  . SER A 32 ? 0.2029 0.2221 0.2027 -0.0038 -0.0514 0.0075  32  SER A CA  
243 C C   . SER A 32 ? 0.2082 0.2147 0.1861 -0.0026 -0.0475 0.0167  32  SER A C   
244 O O   . SER A 32 ? 0.2051 0.2017 0.1869 -0.0010 -0.0393 0.0208  32  SER A O   
245 C CB  . SER A 32 ? 0.2282 0.2546 0.2481 0.0033  -0.0585 0.0123  32  SER A CB  
246 O OG  . SER A 32 ? 0.2745 0.3031 0.2836 0.0082  -0.0712 0.0214  32  SER A OG  
247 N N   . PRO A 33 ? 0.2571 0.2652 0.2116 -0.0042 -0.0532 0.0198  33  PRO A N   
248 C CA  . PRO A 33 ? 0.2782 0.2753 0.2128 -0.0038 -0.0494 0.0317  33  PRO A CA  
249 C C   . PRO A 33 ? 0.2744 0.2636 0.2202 0.0034  -0.0539 0.0454  33  PRO A C   
250 O O   . PRO A 33 ? 0.3087 0.2846 0.2486 0.0030  -0.0466 0.0537  33  PRO A O   
251 C CB  . PRO A 33 ? 0.3280 0.3324 0.2343 -0.0072 -0.0570 0.0330  33  PRO A CB  
252 C CG  . PRO A 33 ? 0.3600 0.3761 0.2708 -0.0117 -0.0586 0.0153  33  PRO A CG  
253 C CD  . PRO A 33 ? 0.2895 0.3101 0.2330 -0.0082 -0.0621 0.0115  33  PRO A CD  
254 N N   . ASP A 34 ? 0.2499 0.2471 0.2158 0.0098  -0.0645 0.0460  34  ASP A N   
255 C CA  . ASP A 34 ? 0.2923 0.2816 0.2752 0.0182  -0.0684 0.0561  34  ASP A CA  
256 C C   . ASP A 34 ? 0.2704 0.2504 0.2711 0.0185  -0.0556 0.0510  34  ASP A C   
257 O O   . ASP A 34 ? 0.3047 0.2732 0.3175 0.0239  -0.0554 0.0579  34  ASP A O   
258 C CB  . ASP A 34 ? 0.3724 0.3767 0.3785 0.0256  -0.0824 0.0547  34  ASP A CB  
259 C CG  . ASP A 34 ? 0.4745 0.4900 0.4634 0.0264  -0.0991 0.0612  34  ASP A CG  
260 O OD1 . ASP A 34 ? 0.5277 0.5353 0.4849 0.0230  -0.1006 0.0719  34  ASP A OD1 
261 O OD2 . ASP A 34 ? 0.5575 0.5918 0.5645 0.0293  -0.1104 0.0549  34  ASP A OD2 
262 N N   . HIS A 35 ? 0.2152 0.1998 0.2181 0.0127  -0.0458 0.0391  35  HIS A N   
263 C CA  . HIS A 35 ? 0.2143 0.1924 0.2280 0.0114  -0.0343 0.0340  35  HIS A CA  
264 C C   . HIS A 35 ? 0.2067 0.1778 0.2036 0.0047  -0.0250 0.0334  35  HIS A C   
265 O O   . HIS A 35 ? 0.1979 0.1684 0.2005 0.0021  -0.0168 0.0275  35  HIS A O   
266 C CB  . HIS A 35 ? 0.1996 0.1903 0.2317 0.0106  -0.0312 0.0228  35  HIS A CB  
267 C CG  . HIS A 35 ? 0.2078 0.2077 0.2634 0.0173  -0.0368 0.0208  35  HIS A CG  
268 N ND1 . HIS A 35 ? 0.2478 0.2640 0.3157 0.0182  -0.0441 0.0166  35  HIS A ND1 
269 C CD2 . HIS A 35 ? 0.2296 0.2250 0.3025 0.0239  -0.0362 0.0210  35  HIS A CD2 
270 C CE1 . HIS A 35 ? 0.2072 0.2304 0.3000 0.0256  -0.0475 0.0149  35  HIS A CE1 
271 N NE2 . HIS A 35 ? 0.2837 0.2936 0.3801 0.0298  -0.0426 0.0172  35  HIS A NE2 
272 N N   . ASN A 36 ? 0.2202 0.1882 0.1958 0.0019  -0.0263 0.0394  36  ASN A N   
273 C CA  . ASN A 36 ? 0.2332 0.1964 0.1960 -0.0040 -0.0162 0.0384  36  ASN A CA  
274 C C   . ASN A 36 ? 0.2186 0.1880 0.1864 -0.0071 -0.0101 0.0269  36  ASN A C   
275 O O   . ASN A 36 ? 0.2240 0.1910 0.1956 -0.0093 -0.0023 0.0244  36  ASN A O   
276 C CB  . ASN A 36 ? 0.2493 0.2008 0.2184 -0.0044 -0.0100 0.0441  36  ASN A CB  
277 C CG  . ASN A 36 ? 0.3892 0.3304 0.3566 -0.0010 -0.0162 0.0573  36  ASN A CG  
278 O OD1 . ASN A 36 ? 0.4851 0.4187 0.4704 0.0034  -0.0176 0.0587  36  ASN A OD1 
279 N ND2 . ASN A 36 ? 0.3643 0.3053 0.3106 -0.0022 -0.0209 0.0667  36  ASN A ND2 
280 N N   . CYS A 37 ? 0.2019 0.1793 0.1717 -0.0072 -0.0149 0.0204  37  CYS A N   
281 C CA  . CYS A 37 ? 0.1860 0.1660 0.1599 -0.0102 -0.0102 0.0113  37  CYS A CA  
282 C C   . CYS A 37 ? 0.1945 0.1718 0.1578 -0.0130 -0.0023 0.0087  37  CYS A C   
283 O O   . CYS A 37 ? 0.2365 0.2140 0.1826 -0.0149 -0.0016 0.0110  37  CYS A O   
284 C CB  . CYS A 37 ? 0.1945 0.1817 0.1700 -0.0116 -0.0168 0.0046  37  CYS A CB  
285 S SG  . CYS A 37 ? 0.1881 0.1738 0.1689 -0.0158 -0.0115 -0.0070 37  CYS A SG  
286 N N   . GLN A 38 ? 0.2102 0.1863 0.1839 -0.0133 0.0034  0.0042  38  GLN A N   
287 C CA  . GLN A 38 ? 0.2134 0.1897 0.1847 -0.0148 0.0115  0.0003  38  GLN A CA  
288 C C   . GLN A 38 ? 0.2266 0.2046 0.1984 -0.0156 0.0139  -0.0108 38  GLN A C   
289 O O   . GLN A 38 ? 0.2598 0.2407 0.2259 -0.0171 0.0209  -0.0167 38  GLN A O   
290 C CB  . GLN A 38 ? 0.1982 0.1741 0.1838 -0.0135 0.0152  0.0016  38  GLN A CB  
291 C CG  . GLN A 38 ? 0.2069 0.1810 0.1942 -0.0137 0.0146  0.0087  38  GLN A CG  
292 C CD  . GLN A 38 ? 0.1859 0.1629 0.1853 -0.0139 0.0178  0.0077  38  GLN A CD  
293 O OE1 . GLN A 38 ? 0.2097 0.1904 0.2121 -0.0154 0.0237  0.0050  38  GLN A OE1 
294 N NE2 . GLN A 38 ? 0.1680 0.1461 0.1747 -0.0128 0.0143  0.0087  38  GLN A NE2 
295 N N   . SER A 39 ? 0.2103 0.1866 0.1916 -0.0152 0.0093  -0.0150 39  SER A N   
296 C CA  . SER A 39 ? 0.2232 0.1981 0.2090 -0.0161 0.0116  -0.0272 39  SER A CA  
297 C C   . SER A 39 ? 0.2134 0.1857 0.2072 -0.0182 0.0052  -0.0305 39  SER A C   
298 O O   . SER A 39 ? 0.2047 0.1768 0.2054 -0.0182 0.0010  -0.0229 39  SER A O   
299 C CB  . SER A 39 ? 0.2557 0.2269 0.2583 -0.0128 0.0176  -0.0302 39  SER A CB  
300 O OG  . SER A 39 ? 0.2391 0.2059 0.2556 -0.0106 0.0140  -0.0217 39  SER A OG  
301 N N   . ASN A 40 ? 0.2392 0.2107 0.2332 -0.0208 0.0055  -0.0437 40  ASN A N   
302 C CA  . ASN A 40 ? 0.2448 0.2142 0.2484 -0.0249 -0.0001 -0.0499 40  ASN A CA  
303 C C   . ASN A 40 ? 0.2406 0.2196 0.2374 -0.0270 -0.0087 -0.0444 40  ASN A C   
304 O O   . ASN A 40 ? 0.2913 0.2711 0.3018 -0.0296 -0.0126 -0.0426 40  ASN A O   
305 C CB  . ASN A 40 ? 0.2624 0.2209 0.2880 -0.0245 0.0013  -0.0450 40  ASN A CB  
306 C CG  . ASN A 40 ? 0.3369 0.2844 0.3762 -0.0223 0.0066  -0.0534 40  ASN A CG  
307 O OD1 . ASN A 40 ? 0.3740 0.3224 0.4098 -0.0228 0.0100  -0.0687 40  ASN A OD1 
308 N ND2 . ASN A 40 ? 0.3582 0.2954 0.4138 -0.0196 0.0074  -0.0441 40  ASN A ND2 
309 N N   . CYS A 41 ? 0.2322 0.2193 0.2090 -0.0261 -0.0115 -0.0418 41  CYS A N   
310 C CA  . CYS A 41 ? 0.2415 0.2373 0.2138 -0.0252 -0.0208 -0.0335 41  CYS A CA  
311 C C   . CYS A 41 ? 0.2800 0.2863 0.2509 -0.0295 -0.0306 -0.0431 41  CYS A C   
312 O O   . CYS A 41 ? 0.3410 0.3484 0.3047 -0.0339 -0.0301 -0.0571 41  CYS A O   
313 C CB  . CYS A 41 ? 0.2525 0.2497 0.2049 -0.0221 -0.0206 -0.0234 41  CYS A CB  
314 S SG  . CYS A 41 ? 0.2490 0.2366 0.2059 -0.0189 -0.0095 -0.0151 41  CYS A SG  
315 N N   . LYS A 42 ? 0.2596 0.2752 0.2392 -0.0282 -0.0397 -0.0371 42  LYS A N   
316 C CA  . LYS A 42 ? 0.3162 0.3461 0.2982 -0.0319 -0.0518 -0.0453 42  LYS A CA  
317 C C   . LYS A 42 ? 0.4337 0.4726 0.3905 -0.0293 -0.0616 -0.0402 42  LYS A C   
318 O O   . LYS A 42 ? 0.4857 0.5295 0.4443 -0.0235 -0.0689 -0.0273 42  LYS A O   
319 C CB  . LYS A 42 ? 0.3389 0.3779 0.3474 -0.0313 -0.0567 -0.0418 42  LYS A CB  
320 C CG  . LYS A 42 ? 0.3974 0.4550 0.4151 -0.0352 -0.0703 -0.0508 42  LYS A CG  
321 C CD  . LYS A 42 ? 0.3948 0.4620 0.4458 -0.0370 -0.0705 -0.0507 42  LYS A CD  
322 C CE  . LYS A 42 ? 0.4589 0.5472 0.5260 -0.0428 -0.0834 -0.0624 42  LYS A CE  
323 N NZ  . LYS A 42 ? 0.4949 0.6018 0.5709 -0.0347 -0.0961 -0.0547 42  LYS A NZ  
324 N N   . ASP A 43 ? 0.5252 0.5671 0.4592 -0.0337 -0.0621 -0.0502 43  ASP A N   
325 C CA  . ASP A 43 ? 0.5741 0.6257 0.4780 -0.0328 -0.0717 -0.0436 43  ASP A CA  
326 C C   . ASP A 43 ? 0.6471 0.7150 0.5388 -0.0396 -0.0829 -0.0600 43  ASP A C   
327 O O   . ASP A 43 ? 0.6483 0.7280 0.5601 -0.0418 -0.0937 -0.0677 43  ASP A O   
328 C CB  . ASP A 43 ? 0.5944 0.6362 0.4723 -0.0326 -0.0596 -0.0375 43  ASP A CB  
329 O OXT . ASP A 43 ? 0.7106 0.7823 0.5718 -0.0439 -0.0810 -0.0671 43  ASP A OXT 
330 C C   . TOU B .  ? 0.3576 0.3467 0.3030 -0.0272 0.0131  -0.0664 101 TOU A C   
331 S S   . TOU B .  ? 0.5677 0.5599 0.5031 -0.0269 0.0028  -0.0497 101 TOU A S   
332 N N1  . TOU B .  ? 0.3702 0.3519 0.3368 -0.0229 0.0198  -0.0650 101 TOU A N1  
333 N N2  . TOU B .  ? 0.5158 0.5102 0.4498 -0.0314 0.0143  -0.0833 101 TOU A N2  
334 O O   . HOH C .  ? 0.3879 0.3522 0.3865 -0.0188 0.0205  0.0188  201 HOH A O   
335 O O   . HOH C .  ? 0.3725 0.3317 0.3389 -0.0159 0.0122  0.0290  202 HOH A O   
336 O O   . HOH C .  ? 0.2330 0.2397 0.2545 -0.0208 0.0069  -0.0089 203 HOH A O   
337 O O   . HOH C .  ? 0.3445 0.3455 0.4011 0.0086  -0.0349 0.0578  204 HOH A O   
338 O O   . HOH C .  ? 0.4394 0.4731 0.4904 -0.0497 0.0302  0.0173  205 HOH A O   
339 O O   . HOH C .  ? 0.2107 0.2042 0.2578 0.0021  -0.0042 0.0045  206 HOH A O   
340 O O   . HOH C .  ? 0.3152 0.2477 0.3208 -0.0086 0.0059  0.0378  207 HOH A O   
341 O O   . HOH C .  ? 0.2959 0.2579 0.4275 0.0366  -0.0479 0.0739  208 HOH A O   
342 O O   . HOH C .  ? 0.2228 0.2847 0.3323 -0.0138 -0.0010 -0.0147 209 HOH A O   
343 O O   . HOH C .  ? 0.2985 0.2938 0.3574 0.0000  0.0464  -0.0479 210 HOH A O   
344 O O   . HOH C .  ? 0.2784 0.3192 0.3661 -0.0434 -0.0352 -0.0376 211 HOH A O   
345 O O   . HOH C .  ? 0.3294 0.3389 0.3446 -0.0363 0.0180  0.0282  212 HOH A O   
346 O O   . HOH C .  ? 0.4504 0.3565 0.5509 -0.0724 0.0184  0.0568  213 HOH A O   
347 O O   . HOH C .  ? 0.3096 0.2512 0.4581 0.0287  0.0044  -0.0098 214 HOH A O   
348 O O   . HOH C .  ? 0.4933 0.5464 0.5493 -0.0160 -0.0183 0.0000  215 HOH A O   
349 O O   . HOH C .  ? 0.4083 0.4383 0.3963 -0.0147 -0.0307 0.0565  216 HOH A O   
350 O O   . HOH C .  ? 0.3791 0.3680 0.3726 -0.0179 0.0378  -0.0077 217 HOH A O   
351 O O   . HOH C .  ? 0.2221 0.2123 0.3021 0.0103  0.0041  -0.0110 218 HOH A O   
352 O O   . HOH C .  ? 0.3349 0.3619 0.4131 -0.0494 0.0181  0.0074  219 HOH A O   
353 O O   . HOH C .  ? 0.5277 0.3636 0.6881 -0.0118 -0.0012 0.0202  220 HOH A O   
354 O O   . HOH C .  ? 0.1691 0.2706 0.3256 -0.0259 -0.0304 -0.0296 221 HOH A O   
355 O O   . HOH C .  ? 0.5627 0.5340 0.4943 -0.0244 0.0248  0.0218  222 HOH A O   
356 O O   . HOH C .  ? 0.5361 0.4762 0.5903 -0.0054 -0.0170 0.0701  223 HOH A O   
357 O O   . HOH C .  ? 0.5504 0.5265 0.6313 0.0446  -0.0657 0.0526  224 HOH A O   
358 O O   . HOH C .  ? 0.3428 0.4042 0.4312 -0.0267 -0.0462 -0.0270 225 HOH A O   
359 O O   . HOH C .  ? 0.5265 0.5864 0.6820 0.0414  -0.0657 0.0078  226 HOH A O   
360 O O   . HOH C .  ? 0.4099 0.4620 0.5165 -0.0660 0.0310  0.0048  227 HOH A O   
361 O O   . HOH C .  ? 0.3006 0.2891 0.3254 -0.0080 0.0339  -0.0221 228 HOH A O   
362 O O   . HOH C .  ? 0.4899 0.4287 0.4615 -0.0177 0.0135  0.0450  229 HOH A O   
363 O O   . HOH C .  ? 0.4873 0.3861 0.4950 -0.0087 0.0044  0.0615  230 HOH A O   
364 O O   . HOH C .  ? 0.2998 0.4204 0.4872 -0.0107 -0.0213 -0.0319 231 HOH A O   
365 O O   . HOH C .  ? 0.4132 0.4356 0.4683 -0.0447 -0.0389 -0.0517 232 HOH A O   
366 O O   . HOH C .  ? 0.5407 0.4473 0.6143 -0.0611 0.0141  0.0786  233 HOH A O   
367 O O   . HOH C .  ? 0.4222 0.5293 0.5642 -0.0277 -0.0607 -0.0377 234 HOH A O   
368 O O   . HOH C .  ? 0.5188 0.5104 0.5571 -0.0045 0.0528  -0.0668 235 HOH A O   
369 O O   . HOH C .  ? 0.5514 0.4590 0.7248 0.0294  0.0104  -0.0299 236 HOH A O   
370 O O   . HOH C .  ? 0.3536 0.3198 0.5331 0.0423  -0.0059 0.0003  237 HOH A O   
371 O O   . HOH C .  ? 0.5919 0.5043 0.6494 -0.0436 0.0045  0.0816  238 HOH A O   
372 O O   . HOH C .  ? 0.5360 0.5798 0.4779 -0.0294 -0.0270 0.0702  239 HOH A O   
373 O O   . HOH C .  ? 0.1884 0.1721 0.1992 -0.0039 -0.0104 0.0136  240 HOH A O   
374 O O   . HOH C .  ? 0.2487 0.2226 0.2824 -0.0044 0.0197  -0.0157 241 HOH A O   
375 O O   . HOH C .  ? 0.2583 0.2092 0.3007 -0.0114 0.0080  -0.0173 242 HOH A O   
376 O O   . HOH C .  ? 0.3541 0.3385 0.2697 -0.0148 -0.0186 0.0207  243 HOH A O   
377 O O   . HOH C .  ? 0.3842 0.2661 0.5087 -0.0142 0.0069  -0.0272 244 HOH A O   
378 O O   . HOH C .  ? 0.4161 0.3623 0.4927 0.0058  -0.0121 0.0406  245 HOH A O   
379 O O   . HOH C .  ? 0.4330 0.4184 0.3858 -0.0226 0.0354  -0.0060 246 HOH A O   
380 O O   . HOH C .  ? 0.4307 0.4901 0.4850 -0.0123 -0.0647 -0.0155 247 HOH A O   
381 O O   . HOH C .  ? 0.5245 0.5264 0.4064 -0.0237 -0.0215 -0.0011 248 HOH A O   
382 O O   . HOH C .  ? 0.5758 0.5452 0.4731 -0.0134 -0.0198 0.0490  249 HOH A O   
383 O O   . HOH C .  ? 0.4793 0.5412 0.4900 -0.0116 -0.0827 -0.0134 250 HOH A O   
384 O O   . HOH C .  ? 0.5379 0.5996 0.5369 0.0054  -0.1013 0.0144  251 HOH A O   
385 O O   . HOH C .  ? 0.5251 0.4670 0.5630 -0.0368 0.0041  0.0673  252 HOH A O   
386 O O   . HOH C .  ? 0.4965 0.5477 0.5764 0.0263  -0.0835 0.0216  253 HOH A O   
# 
